data_2IH0
#
_entry.id   2IH0
#
_cell.length_a   1.000
_cell.length_b   1.000
_cell.length_c   1.000
_cell.angle_alpha   90.00
_cell.angle_beta   90.00
_cell.angle_gamma   90.00
#
_symmetry.space_group_name_H-M   'P 1'
#
_entity_poly.entity_id   1
_entity_poly.type   'polypeptide(L)'
_entity_poly.pdbx_seq_one_letter_code
;(BAL)D(DTY)(DSG)SQ(DSN)T
;
_entity_poly.pdbx_strand_id   A
#
loop_
_chem_comp.id
_chem_comp.type
_chem_comp.name
_chem_comp.formula
AFC peptide-like '(3R,12R)-3-amino-12-methyltetradecanoic acid' 'C15 H31 N O2'
BAL peptide-like BETA-ALANINE 'C3 H7 N O2'
#
# COMPACT_ATOMS: atom_id res chain seq x y z
N BAL A 1 3.03 0.08 -0.89
CB BAL A 1 2.65 -1.01 -1.74
CA BAL A 1 2.35 -0.66 -3.22
C BAL A 1 1.02 0.02 -3.42
O BAL A 1 0.30 -0.29 -4.37
H BAL A 1 2.42 0.30 -0.12
HB3 BAL A 1 1.77 -1.43 -1.27
HB2 BAL A 1 3.48 -1.70 -1.72
HA1 BAL A 1 2.32 -1.61 -3.81
HA2 BAL A 1 3.16 -0.03 -3.64
N ASP A 2 0.68 0.98 -2.53
CA ASP A 2 -0.57 1.68 -2.45
C ASP A 2 -1.65 0.67 -2.14
N DTY A 3 -2.93 0.97 -2.39
CA DTY A 3 -4.01 0.01 -2.23
C DTY A 3 -4.47 -0.04 -0.79
O DTY A 3 -5.60 -0.40 -0.48
CB DTY A 3 -5.23 0.29 -3.14
CG DTY A 3 -4.78 0.30 -4.58
CD1 DTY A 3 -4.93 1.45 -5.37
CD2 DTY A 3 -4.18 -0.85 -5.15
CE1 DTY A 3 -4.46 1.48 -6.69
CE2 DTY A 3 -3.72 -0.83 -6.47
CZ DTY A 3 -3.85 0.34 -7.24
OH DTY A 3 -3.37 0.38 -8.57
H DTY A 3 -3.19 1.85 -2.79
HA DTY A 3 -3.60 -0.96 -2.46
HB2 DTY A 3 -5.99 -0.52 -3.03
HB3 DTY A 3 -5.69 1.26 -2.89
HD1 DTY A 3 -5.38 2.33 -4.96
HD2 DTY A 3 -4.07 -1.74 -4.57
HE1 DTY A 3 -4.57 2.38 -7.27
HE2 DTY A 3 -3.24 -1.71 -6.87
HH DTY A 3 -2.92 -0.44 -8.74
N DSG A 4 -3.54 0.28 0.12
CA DSG A 4 -3.56 -0.02 1.52
C DSG A 4 -3.08 -1.44 1.65
O DSG A 4 -3.58 -2.19 2.47
CB DSG A 4 -2.61 0.95 2.29
CG DSG A 4 -2.29 0.57 3.74
OD1 DSG A 4 -1.12 0.60 4.12
ND2 DSG A 4 -3.32 0.24 4.55
H DSG A 4 -2.67 0.61 -0.22
HA DSG A 4 -4.58 0.05 1.89
HB2 DSG A 4 -1.63 0.98 1.74
HB3 DSG A 4 -3.03 1.97 2.27
HD21 DSG A 4 -4.25 0.18 4.19
HD22 DSG A 4 -3.14 -0.02 5.50
N SER A 5 -2.10 -1.83 0.81
CA SER A 5 -1.52 -3.14 0.87
C SER A 5 -0.38 -3.06 1.85
N GLN A 6 0.47 -2.03 1.65
CA GLN A 6 1.39 -1.51 2.61
C GLN A 6 1.31 -0.10 2.14
N DSN A 7 1.84 0.87 2.93
CA DSN A 7 1.96 2.27 2.59
C DSN A 7 2.58 2.45 1.23
O DSN A 7 2.05 3.12 0.35
CB DSN A 7 0.63 3.04 2.69
OG DSN A 7 0.09 2.89 4.01
H DSN A 7 2.18 0.64 3.84
HA DSN A 7 2.64 2.70 3.30
HB2 DSN A 7 0.79 4.12 2.49
HB3 DSN A 7 -0.11 2.65 1.94
HG DSN A 7 -0.31 1.99 4.06
N THR A 8 3.73 1.79 1.05
CA THR A 8 4.56 1.85 -0.12
C THR A 8 4.19 0.74 -1.07
N BAL A 1 3.24 -0.02 -1.02
CB BAL A 1 2.80 -0.99 -2.00
CA BAL A 1 2.38 -0.43 -3.39
C BAL A 1 1.04 0.25 -3.40
O BAL A 1 0.25 0.05 -4.32
H BAL A 1 2.67 0.06 -0.19
HB3 BAL A 1 1.96 -1.50 -1.55
HB2 BAL A 1 3.65 -1.65 -2.14
HA1 BAL A 1 2.32 -1.29 -4.10
HA2 BAL A 1 3.16 0.26 -3.77
N ASP A 2 0.77 1.08 -2.37
CA ASP A 2 -0.47 1.77 -2.13
C ASP A 2 -1.54 0.73 -1.94
N DTY A 3 -2.83 1.07 -2.16
CA DTY A 3 -3.90 0.09 -2.25
C DTY A 3 -4.45 -0.20 -0.87
O DTY A 3 -5.53 -0.76 -0.71
CB DTY A 3 -5.05 0.55 -3.16
CG DTY A 3 -4.48 1.04 -4.47
CD1 DTY A 3 -3.72 0.19 -5.28
CD2 DTY A 3 -4.62 2.39 -4.84
CE1 DTY A 3 -3.08 0.68 -6.42
CE2 DTY A 3 -3.99 2.89 -5.99
CZ DTY A 3 -3.21 2.02 -6.78
OH DTY A 3 -2.56 2.53 -7.92
H DTY A 3 -3.07 2.00 -2.44
HA DTY A 3 -3.46 -0.82 -2.62
HB2 DTY A 3 -5.74 -0.30 -3.37
HB3 DTY A 3 -5.63 1.37 -2.69
HD1 DTY A 3 -5.19 3.07 -4.22
HD2 DTY A 3 -3.58 -0.85 -5.01
HE1 DTY A 3 -4.09 3.93 -6.25
HE2 DTY A 3 -2.48 0.00 -7.01
HH DTY A 3 -1.89 1.90 -8.19
N DSG A 4 -3.65 0.18 0.14
CA DSG A 4 -3.77 -0.19 1.53
C DSG A 4 -3.13 -1.54 1.69
O DSG A 4 -3.52 -2.32 2.55
CB DSG A 4 -3.03 0.86 2.41
CG DSG A 4 -3.16 0.57 3.92
OD1 DSG A 4 -4.23 0.18 4.40
ND2 DSG A 4 -2.06 0.83 4.68
H DSG A 4 -2.83 0.68 -0.09
HA DSG A 4 -4.80 -0.30 1.79
HB2 DSG A 4 -1.96 0.89 2.12
HB3 DSG A 4 -3.48 1.86 2.22
HD21 DSG A 4 -1.27 1.30 4.27
HD22 DSG A 4 -2.09 0.65 5.66
N SER A 5 -2.13 -1.84 0.84
CA SER A 5 -1.49 -3.13 0.85
C SER A 5 -0.45 -3.05 1.94
N GLN A 6 0.40 -2.05 1.80
CA GLN A 6 1.20 -1.41 2.82
C GLN A 6 1.27 -0.10 2.11
N DSN A 7 1.70 0.98 2.79
CA DSN A 7 1.76 2.32 2.24
C DSN A 7 2.54 2.39 0.96
O DSN A 7 2.11 2.97 -0.04
CB DSN A 7 0.37 2.98 2.08
OG DSN A 7 -0.39 2.86 3.28
H DSN A 7 1.94 0.91 3.76
HA DSN A 7 2.31 2.90 2.98
HB2 DSN A 7 0.49 4.06 1.81
HB3 DSN A 7 -0.19 2.49 1.25
HG DSN A 7 -1.08 3.53 3.22
N THR A 8 3.71 1.73 0.96
CA THR A 8 4.70 1.71 -0.09
C THR A 8 4.34 0.74 -1.18
N BAL A 1 3.17 -0.05 -0.99
CB BAL A 1 2.73 -1.00 -1.96
CA BAL A 1 2.38 -0.40 -3.35
C BAL A 1 1.05 0.29 -3.38
O BAL A 1 0.22 0.02 -4.25
H BAL A 1 2.51 0.22 -0.28
HB3 BAL A 1 1.84 -1.46 -1.55
HB2 BAL A 1 3.53 -1.71 -2.08
HA1 BAL A 1 2.35 -1.23 -4.09
HA2 BAL A 1 3.19 0.30 -3.67
N ASP A 2 0.82 1.22 -2.41
CA ASP A 2 -0.42 1.88 -2.13
C ASP A 2 -1.48 0.85 -1.85
N DTY A 3 -2.75 1.14 -2.13
CA DTY A 3 -3.79 0.14 -2.19
C DTY A 3 -4.40 -0.07 -0.82
O DTY A 3 -5.58 -0.33 -0.68
CB DTY A 3 -4.93 0.51 -3.18
CG DTY A 3 -4.39 0.93 -4.52
CD1 DTY A 3 -3.40 0.20 -5.21
CD2 DTY A 3 -4.91 2.09 -5.13
CE1 DTY A 3 -2.92 0.63 -6.45
CE2 DTY A 3 -4.43 2.53 -6.37
CZ DTY A 3 -3.44 1.79 -7.03
OH DTY A 3 -2.97 2.21 -8.31
H DTY A 3 -2.99 2.05 -2.46
HA DTY A 3 -3.32 -0.78 -2.50
HB2 DTY A 3 -5.59 -0.38 -3.33
HB3 DTY A 3 -5.54 1.33 -2.76
HD1 DTY A 3 -5.66 2.67 -4.62
HD2 DTY A 3 -2.99 -0.70 -4.77
HE1 DTY A 3 -4.84 3.43 -6.81
HE2 DTY A 3 -2.16 0.06 -6.95
HH DTY A 3 -3.44 3.01 -8.55
N DSG A 4 -3.55 0.02 0.21
CA DSG A 4 -3.85 -0.34 1.57
C DSG A 4 -3.19 -1.66 1.81
O DSG A 4 -3.48 -2.33 2.79
CB DSG A 4 -3.28 0.63 2.64
CG DSG A 4 -3.84 2.04 2.48
OD1 DSG A 4 -3.08 2.97 2.16
ND2 DSG A 4 -5.18 2.21 2.70
H DSG A 4 -2.60 0.27 0.03
HA DSG A 4 -4.91 -0.48 1.68
HB2 DSG A 4 -3.52 0.26 3.66
HB3 DSG A 4 -2.17 0.68 2.54
HD21 DSG A 4 -5.76 1.43 2.94
HD22 DSG A 4 -5.57 3.13 2.62
N SER A 5 -2.25 -2.06 0.92
CA SER A 5 -1.52 -3.29 1.04
C SER A 5 -0.37 -3.03 1.96
N GLN A 6 0.41 -1.98 1.62
CA GLN A 6 1.32 -1.32 2.51
C GLN A 6 1.12 0.04 1.94
N DSN A 7 1.55 1.11 2.63
CA DSN A 7 1.64 2.45 2.06
C DSN A 7 2.55 2.42 0.85
O DSN A 7 2.23 2.95 -0.22
CB DSN A 7 0.25 3.07 1.73
OG DSN A 7 -0.59 3.04 2.89
H DSN A 7 1.88 1.03 3.56
HA DSN A 7 2.10 3.07 2.81
HB2 DSN A 7 0.38 4.12 1.39
HB3 DSN A 7 -0.24 2.49 0.92
HG DSN A 7 -1.52 3.14 2.56
N THR A 8 3.69 1.72 1.00
CA THR A 8 4.75 1.53 0.05
C THR A 8 4.41 0.49 -1.00
N BAL A 1 3.01 -0.07 -0.89
CB BAL A 1 2.53 -1.08 -1.81
CA BAL A 1 2.26 -0.59 -3.26
C BAL A 1 0.99 0.19 -3.39
O BAL A 1 0.22 -0.02 -4.32
H BAL A 1 2.37 0.26 -0.19
HB3 BAL A 1 1.60 -1.45 -1.38
HB2 BAL A 1 3.30 -1.83 -1.83
HA1 BAL A 1 2.18 -1.48 -3.92
HA2 BAL A 1 3.12 0.02 -3.62
N ASP A 2 0.73 1.12 -2.43
CA ASP A 2 -0.50 1.84 -2.24
C ASP A 2 -1.60 0.84 -1.99
N DTY A 3 -2.86 1.20 -2.27
CA DTY A 3 -3.98 0.27 -2.26
C DTY A 3 -4.53 0.22 -0.86
O DTY A 3 -5.67 0.56 -0.58
CB DTY A 3 -5.09 0.64 -3.27
CG DTY A 3 -4.54 0.92 -4.65
CD1 DTY A 3 -5.11 1.94 -5.43
CD2 DTY A 3 -3.44 0.21 -5.19
CE1 DTY A 3 -4.59 2.27 -6.69
CE2 DTY A 3 -2.90 0.56 -6.44
CZ DTY A 3 -3.48 1.59 -7.19
OH DTY A 3 -2.93 1.97 -8.44
H DTY A 3 -3.07 2.12 -2.61
HA DTY A 3 -3.57 -0.70 -2.49
HB2 DTY A 3 -5.83 -0.19 -3.36
HB3 DTY A 3 -5.63 1.55 -2.93
HD1 DTY A 3 -2.96 -0.58 -4.64
HD2 DTY A 3 -5.96 2.49 -5.05
HE1 DTY A 3 -2.05 0.01 -6.81
HE2 DTY A 3 -5.05 3.07 -7.26
HH DTY A 3 -2.10 1.51 -8.54
N DSG A 4 -3.62 -0.18 0.03
CA DSG A 4 -3.73 -0.34 1.44
C DSG A 4 -3.15 -1.70 1.61
O DSG A 4 -3.78 -2.59 2.16
CB DSG A 4 -2.89 0.76 2.18
CG DSG A 4 -2.43 0.43 3.61
OD1 DSG A 4 -1.29 0.78 3.94
ND2 DSG A 4 -3.30 -0.20 4.44
H DSG A 4 -2.73 -0.44 -0.35
HA DSG A 4 -4.75 -0.36 1.74
HB2 DSG A 4 -1.98 0.97 1.58
HB3 DSG A 4 -3.48 1.70 2.20
HD21 DSG A 4 -4.19 -0.51 4.11
HD22 DSG A 4 -3.01 -0.40 5.37
N SER A 5 -1.94 -1.88 1.06
CA SER A 5 -1.31 -3.17 0.95
C SER A 5 -0.18 -3.06 1.92
N GLN A 6 0.61 -2.00 1.69
CA GLN A 6 1.45 -1.34 2.63
C GLN A 6 1.16 0.03 2.12
N DSN A 7 1.67 1.09 2.78
CA DSN A 7 1.73 2.44 2.23
C DSN A 7 2.52 2.39 0.94
O DSN A 7 2.08 2.85 -0.12
CB DSN A 7 0.36 3.10 2.05
OG DSN A 7 -0.34 3.13 3.30
H DSN A 7 2.09 0.99 3.67
HA DSN A 7 2.30 3.03 2.94
HB2 DSN A 7 0.49 4.16 1.69
HB3 DSN A 7 -0.25 2.56 1.30
HG DSN A 7 -0.60 2.21 3.51
N THR A 8 3.70 1.74 1.02
CA THR A 8 4.66 1.52 -0.01
C THR A 8 4.26 0.42 -0.96
N BAL A 1 2.89 0.07 -0.85
CB BAL A 1 2.52 -1.10 -1.61
CA BAL A 1 2.26 -0.88 -3.14
C BAL A 1 0.98 -0.14 -3.43
O BAL A 1 0.20 -0.57 -4.28
H BAL A 1 2.24 0.35 -0.13
HB3 BAL A 1 1.61 -1.46 -1.16
HB2 BAL A 1 3.34 -1.79 -1.50
HA1 BAL A 1 2.19 -1.89 -3.62
HA2 BAL A 1 3.11 -0.35 -3.60
N ASP A 2 0.76 0.98 -2.69
CA ASP A 2 -0.46 1.73 -2.61
C ASP A 2 -1.51 0.80 -2.07
N DTY A 3 -2.82 1.03 -2.36
CA DTY A 3 -3.85 0.03 -2.17
C DTY A 3 -4.38 0.08 -0.77
O DTY A 3 -5.57 -0.06 -0.50
CB DTY A 3 -5.02 0.18 -3.18
CG DTY A 3 -4.52 0.25 -4.60
CD1 DTY A 3 -5.04 1.21 -5.49
CD2 DTY A 3 -3.50 -0.61 -5.06
CE1 DTY A 3 -4.54 1.32 -6.79
CE2 DTY A 3 -2.99 -0.49 -6.36
CZ DTY A 3 -3.50 0.48 -7.22
OH DTY A 3 -2.98 0.63 -8.52
H DTY A 3 -3.07 1.85 -2.86
HA DTY A 3 -3.40 -0.94 -2.30
HB2 DTY A 3 -5.71 -0.69 -3.09
HB3 DTY A 3 -5.61 1.11 -2.96
HD1 DTY A 3 -3.08 -1.37 -4.42
HD2 DTY A 3 -5.82 1.88 -5.16
HE1 DTY A 3 -2.19 -1.15 -6.67
HE2 DTY A 3 -4.94 2.08 -7.45
HH DTY A 3 -2.22 0.05 -8.60
N DSG A 4 -3.42 0.22 0.16
CA DSG A 4 -3.51 -0.04 1.57
C DSG A 4 -2.98 -1.42 1.73
O DSG A 4 -3.34 -2.13 2.66
CB DSG A 4 -2.62 0.99 2.33
CG DSG A 4 -2.39 0.68 3.82
OD1 DSG A 4 -1.24 0.75 4.28
ND2 DSG A 4 -3.48 0.43 4.59
H DSG A 4 -2.50 0.37 -0.19
HA DSG A 4 -4.54 -0.03 1.87
HB2 DSG A 4 -1.62 1.01 1.85
HB3 DSG A 4 -3.06 2.00 2.23
HD21 DSG A 4 -4.39 0.37 4.17
HD22 DSG A 4 -3.36 0.24 5.55
N SER A 5 -2.10 -1.86 0.81
CA SER A 5 -1.52 -3.17 0.84
C SER A 5 -0.36 -3.10 1.78
N GLN A 6 0.46 -2.04 1.62
CA GLN A 6 1.38 -1.55 2.59
C GLN A 6 1.28 -0.12 2.17
N DSN A 7 1.82 0.84 2.97
CA DSN A 7 1.91 2.25 2.63
C DSN A 7 2.47 2.46 1.26
O DSN A 7 1.87 3.08 0.39
CB DSN A 7 0.58 3.03 2.79
OG DSN A 7 0.13 2.94 4.14
H DSN A 7 2.15 0.61 3.88
HA DSN A 7 2.63 2.67 3.33
HB2 DSN A 7 0.74 4.10 2.53
HB3 DSN A 7 -0.18 2.62 2.09
HG DSN A 7 -0.34 2.08 4.21
N THR A 8 3.66 1.86 1.02
CA THR A 8 4.36 1.97 -0.23
C THR A 8 4.05 0.73 -1.07
N BAL A 1 3.31 -0.07 -0.99
CB BAL A 1 2.89 -1.04 -1.99
CA BAL A 1 2.44 -0.43 -3.35
C BAL A 1 1.07 0.17 -3.30
O BAL A 1 0.23 -0.13 -4.15
H BAL A 1 2.67 0.10 -0.24
HB3 BAL A 1 2.06 -1.57 -1.54
HB2 BAL A 1 3.75 -1.67 -2.15
HA1 BAL A 1 2.43 -1.25 -4.10
HA2 BAL A 1 3.19 0.33 -3.68
N ASP A 2 0.82 1.08 -2.33
CA ASP A 2 -0.41 1.74 -2.03
C ASP A 2 -1.53 0.75 -1.82
N DTY A 3 -2.78 1.20 -1.98
CA DTY A 3 -3.89 0.28 -2.15
C DTY A 3 -4.42 -0.15 -0.82
O DTY A 3 -5.48 -0.75 -0.71
CB DTY A 3 -5.05 0.89 -2.97
CG DTY A 3 -4.53 1.52 -4.24
CD1 DTY A 3 -4.78 2.87 -4.52
CD2 DTY A 3 -3.74 0.78 -5.14
CE1 DTY A 3 -4.25 3.48 -5.66
CE2 DTY A 3 -3.20 1.39 -6.28
CZ DTY A 3 -3.45 2.74 -6.54
OH DTY A 3 -2.90 3.37 -7.68
H DTY A 3 -2.98 2.15 -2.19
HA DTY A 3 -3.47 -0.59 -2.65
HB2 DTY A 3 -5.78 0.10 -3.25
HB3 DTY A 3 -5.57 1.66 -2.37
HD1 DTY A 3 -3.52 -0.26 -4.95
HD2 DTY A 3 -5.39 3.46 -3.84
HE1 DTY A 3 -2.58 0.79 -6.95
HE2 DTY A 3 -4.45 4.52 -5.86
HH DTY A 3 -2.23 2.78 -8.03
N DSG A 4 -3.65 0.14 0.25
CA DSG A 4 -3.87 -0.37 1.58
C DSG A 4 -3.27 -1.74 1.65
O DSG A 4 -3.73 -2.58 2.41
CB DSG A 4 -3.20 0.46 2.70
CG DSG A 4 -3.71 1.91 2.71
OD1 DSG A 4 -2.96 2.83 2.34
ND2 DSG A 4 -4.99 2.12 3.13
H DSG A 4 -2.82 0.66 0.11
HA DSG A 4 -4.94 -0.45 1.76
HB2 DSG A 4 -3.39 0.00 3.69
HB3 DSG A 4 -2.10 0.50 2.54
HD21 DSG A 4 -5.57 1.36 3.41
HD22 DSG A 4 -5.35 3.06 3.15
N SER A 5 -2.22 -1.98 0.84
CA SER A 5 -1.49 -3.23 0.88
C SER A 5 -0.38 -3.01 1.88
N GLN A 6 0.40 -1.95 1.64
CA GLN A 6 1.28 -1.29 2.54
C GLN A 6 1.03 0.08 1.99
N DSN A 7 1.59 1.13 2.63
CA DSN A 7 1.68 2.47 2.06
C DSN A 7 2.54 2.40 0.82
O DSN A 7 2.19 2.88 -0.26
CB DSN A 7 0.31 3.14 1.79
OG DSN A 7 -0.47 3.16 3.00
H DSN A 7 2.01 1.03 3.52
HA DSN A 7 2.20 3.07 2.78
HB2 DSN A 7 0.45 4.19 1.44
HB3 DSN A 7 -0.26 2.59 1.02
HG DSN A 7 -1.41 3.15 2.71
N THR A 8 3.69 1.73 0.96
CA THR A 8 4.78 1.58 0.03
C THR A 8 4.47 0.59 -1.07
N BAL A 1 3.38 0.04 -1.04
CB BAL A 1 3.00 -0.99 -1.97
CA BAL A 1 2.47 -0.49 -3.34
C BAL A 1 1.07 0.07 -3.29
O BAL A 1 0.21 -0.34 -4.08
H BAL A 1 2.76 0.17 -0.25
HB3 BAL A 1 2.23 -1.55 -1.47
HB2 BAL A 1 3.90 -1.57 -2.15
HA1 BAL A 1 2.45 -1.35 -4.04
HA2 BAL A 1 3.16 0.27 -3.76
N ASP A 2 0.80 1.04 -2.38
CA ASP A 2 -0.42 1.72 -2.15
C ASP A 2 -1.54 0.77 -1.88
N DTY A 3 -2.79 1.21 -2.09
CA DTY A 3 -3.90 0.30 -2.18
C DTY A 3 -4.46 -0.04 -0.82
O DTY A 3 -5.60 -0.50 -0.70
CB DTY A 3 -5.08 0.86 -3.03
CG DTY A 3 -4.59 1.39 -4.35
CD1 DTY A 3 -3.84 0.59 -5.24
CD2 DTY A 3 -4.87 2.72 -4.73
CE1 DTY A 3 -3.39 1.10 -6.45
CE2 DTY A 3 -4.43 3.24 -5.95
CZ DTY A 3 -3.68 2.42 -6.82
OH DTY A 3 -3.24 2.92 -8.06
H DTY A 3 -2.98 2.13 -2.40
HA DTY A 3 -3.51 -0.60 -2.62
HB2 DTY A 3 -5.82 0.05 -3.23
HB3 DTY A 3 -5.59 1.68 -2.48
HD1 DTY A 3 -5.45 3.36 -4.06
HD2 DTY A 3 -3.61 -0.44 -4.98
HE1 DTY A 3 -4.67 4.26 -6.20
HE2 DTY A 3 -2.81 0.47 -7.12
HH DTY A 3 -3.49 3.84 -8.13
N DSG A 4 -3.64 0.14 0.22
CA DSG A 4 -3.88 -0.36 1.55
C DSG A 4 -3.33 -1.74 1.62
O DSG A 4 -3.79 -2.57 2.40
CB DSG A 4 -3.18 0.44 2.68
CG DSG A 4 -3.71 1.88 2.73
OD1 DSG A 4 -2.96 2.81 2.37
ND2 DSG A 4 -4.98 2.07 3.17
H DSG A 4 -2.74 0.55 0.07
HA DSG A 4 -4.94 -0.43 1.72
HB2 DSG A 4 -3.37 -0.04 3.66
HB3 DSG A 4 -2.09 0.46 2.51
HD21 DSG A 4 -5.56 1.30 3.42
HD22 DSG A 4 -5.34 3.01 3.23
N SER A 5 -2.28 -2.02 0.82
CA SER A 5 -1.55 -3.25 0.90
C SER A 5 -0.56 -3.03 2.03
N GLN A 6 0.31 -2.04 1.84
CA GLN A 6 1.16 -1.40 2.80
C GLN A 6 1.28 -0.12 2.04
N DSN A 7 1.71 0.98 2.70
CA DSN A 7 1.73 2.31 2.13
C DSN A 7 2.55 2.39 0.87
O DSN A 7 2.11 2.88 -0.17
CB DSN A 7 0.32 2.87 1.86
OG DSN A 7 -0.46 2.77 3.05
H DSN A 7 1.90 0.95 3.68
HA DSN A 7 2.22 2.95 2.86
HB2 DSN A 7 0.37 3.93 1.55
HB3 DSN A 7 -0.18 2.28 1.06
HG DSN A 7 -1.40 2.92 2.78
N THR A 8 3.77 1.83 0.91
CA THR A 8 4.73 1.91 -0.16
C THR A 8 4.48 0.81 -1.20
N BAL A 1 3.26 0.23 -1.18
CB BAL A 1 2.84 -0.72 -2.20
CA BAL A 1 2.43 -0.12 -3.57
C BAL A 1 1.08 0.54 -3.58
O BAL A 1 0.32 0.36 -4.54
H BAL A 1 2.70 0.26 -0.35
HB3 BAL A 1 1.99 -1.25 -1.77
HB2 BAL A 1 3.70 -1.36 -2.34
HA1 BAL A 1 2.41 -0.95 -4.31
HA2 BAL A 1 3.20 0.61 -3.91
N ASP A 2 0.74 1.30 -2.51
CA ASP A 2 -0.54 1.90 -2.27
C ASP A 2 -1.51 0.77 -2.08
N DTY A 3 -2.79 0.94 -2.49
CA DTY A 3 -3.78 -0.11 -2.45
C DTY A 3 -4.40 -0.12 -1.08
O DTY A 3 -5.62 -0.06 -0.91
CB DTY A 3 -4.91 0.07 -3.50
CG DTY A 3 -4.40 0.22 -4.93
CD1 DTY A 3 -5.23 0.90 -5.84
CD2 DTY A 3 -3.18 -0.30 -5.39
CE1 DTY A 3 -4.84 1.07 -7.18
CE2 DTY A 3 -2.78 -0.13 -6.72
CZ DTY A 3 -3.60 0.56 -7.62
OH DTY A 3 -3.19 0.73 -8.96
H DTY A 3 -3.06 1.81 -2.89
HA DTY A 3 -3.29 -1.05 -2.61
HB2 DTY A 3 -5.60 -0.80 -3.49
HB3 DTY A 3 -5.50 0.99 -3.26
HD1 DTY A 3 -2.52 -0.84 -4.72
HD2 DTY A 3 -6.18 1.30 -5.52
HE1 DTY A 3 -1.84 -0.52 -7.04
HE2 DTY A 3 -5.49 1.61 -7.86
HH DTY A 3 -3.88 1.21 -9.43
N DSG A 4 -3.53 -0.14 -0.07
CA DSG A 4 -3.83 -0.01 1.33
C DSG A 4 -3.08 -1.16 1.97
O DSG A 4 -3.05 -1.27 3.19
CB DSG A 4 -3.32 1.37 1.81
CG DSG A 4 -3.56 1.68 3.29
OD1 DSG A 4 -2.60 2.09 3.97
ND2 DSG A 4 -4.82 1.54 3.78
H DSG A 4 -2.55 -0.19 -0.31
HA DSG A 4 -4.88 -0.14 1.49
HB2 DSG A 4 -2.23 1.44 1.61
HB3 DSG A 4 -3.83 2.16 1.21
HD21 DSG A 4 -5.56 1.24 3.19
HD22 DSG A 4 -5.00 1.76 4.74
N SER A 5 -2.49 -2.03 1.14
CA SER A 5 -1.85 -3.27 1.50
C SER A 5 -0.70 -3.04 2.44
N GLN A 6 0.26 -2.20 2.03
CA GLN A 6 1.31 -1.69 2.85
C GLN A 6 1.47 -0.39 2.15
N DSN A 7 1.99 0.62 2.85
CA DSN A 7 1.93 2.02 2.46
C DSN A 7 2.53 2.26 1.10
O DSN A 7 1.91 2.82 0.21
CB DSN A 7 0.49 2.56 2.57
OG DSN A 7 -0.01 2.25 3.87
H DSN A 7 2.27 0.49 3.80
HA DSN A 7 2.54 2.55 3.17
HB2 DSN A 7 0.47 3.66 2.42
HB3 DSN A 7 -0.16 2.08 1.81
HG DSN A 7 -1.00 2.27 3.86
N THR A 8 3.79 1.79 0.92
CA THR A 8 4.60 2.03 -0.22
C THR A 8 4.33 1.03 -1.33
N BAL A 1 3.41 0.08 -0.96
CB BAL A 1 2.94 -0.96 -1.86
CA BAL A 1 2.49 -0.48 -3.27
C BAL A 1 1.16 0.25 -3.29
O BAL A 1 0.51 0.31 -4.34
H BAL A 1 2.81 0.30 -0.19
HB3 BAL A 1 2.11 -1.43 -1.35
HB2 BAL A 1 3.78 -1.62 -1.98
HA1 BAL A 1 2.39 -1.38 -3.91
HA2 BAL A 1 3.27 0.17 -3.71
N ASP A 2 0.74 0.82 -2.15
CA ASP A 2 -0.45 1.57 -1.91
C ASP A 2 -1.61 0.60 -1.89
N DTY A 3 -2.84 1.08 -2.11
CA DTY A 3 -4.02 0.24 -2.21
C DTY A 3 -4.53 -0.16 -0.85
O DTY A 3 -5.59 -0.76 -0.72
CB DTY A 3 -5.20 0.93 -2.94
CG DTY A 3 -4.78 1.46 -4.29
CD1 DTY A 3 -4.14 0.63 -5.23
CD2 DTY A 3 -5.05 2.80 -4.63
CE1 DTY A 3 -3.77 1.15 -6.48
CE2 DTY A 3 -4.67 3.31 -5.87
CZ DTY A 3 -4.02 2.48 -6.81
OH DTY A 3 -3.65 2.97 -8.08
H DTY A 3 -2.99 2.05 -2.31
HA DTY A 3 -3.73 -0.66 -2.73
HB2 DTY A 3 -6.03 0.21 -3.10
HB3 DTY A 3 -5.59 1.78 -2.33
HD1 DTY A 3 -5.54 3.45 -3.93
HD2 DTY A 3 -3.94 -0.40 -5.00
HE1 DTY A 3 -4.89 4.34 -6.11
HE2 DTY A 3 -3.26 0.50 -7.19
HH DTY A 3 -3.96 3.87 -8.15
N DSG A 4 -3.74 0.15 0.21
CA DSG A 4 -3.99 -0.32 1.55
C DSG A 4 -3.42 -1.71 1.64
O DSG A 4 -3.89 -2.51 2.45
CB DSG A 4 -3.27 0.50 2.66
CG DSG A 4 -3.69 1.97 2.63
OD1 DSG A 4 -2.85 2.82 2.29
ND2 DSG A 4 -4.97 2.28 2.98
H DSG A 4 -2.90 0.67 0.07
HA DSG A 4 -5.05 -0.36 1.72
HB2 DSG A 4 -3.51 0.07 3.65
HB3 DSG A 4 -2.17 0.45 2.53
HD21 DSG A 4 -5.61 1.56 3.25
HD22 DSG A 4 -5.27 3.23 2.96
N SER A 5 -2.39 -2.00 0.82
CA SER A 5 -1.63 -3.22 0.93
C SER A 5 -0.52 -2.94 1.90
N GLN A 6 0.27 -1.90 1.59
CA GLN A 6 1.31 -1.37 2.41
C GLN A 6 1.27 0.01 1.86
N DSN A 7 1.77 1.02 2.62
CA DSN A 7 1.85 2.40 2.19
C DSN A 7 2.74 2.54 0.98
O DSN A 7 2.46 3.30 0.06
CB DSN A 7 0.48 3.06 1.94
OG DSN A 7 -0.38 2.85 3.06
H DSN A 7 2.03 0.86 3.56
HA DSN A 7 2.32 2.94 3.00
HB2 DSN A 7 0.59 4.14 1.76
HB3 DSN A 7 0.00 2.60 1.05
HG DSN A 7 -1.30 2.96 2.74
N THR A 8 3.86 1.78 0.97
CA THR A 8 4.87 1.83 -0.07
C THR A 8 4.57 0.74 -1.09
N BAL A 1 3.48 0.11 -0.99
CB BAL A 1 3.09 -0.91 -1.93
CA BAL A 1 2.55 -0.37 -3.28
C BAL A 1 1.14 0.14 -3.22
O BAL A 1 0.32 -0.26 -4.05
H BAL A 1 2.85 0.26 -0.23
HB3 BAL A 1 2.32 -1.49 -1.43
HB2 BAL A 1 3.99 -1.49 -2.12
HA1 BAL A 1 2.58 -1.21 -4.02
HA2 BAL A 1 3.23 0.42 -3.67
N ASP A 2 0.85 1.07 -2.29
CA ASP A 2 -0.42 1.72 -2.10
C ASP A 2 -1.49 0.71 -1.75
N DTY A 3 -2.74 0.94 -2.16
CA DTY A 3 -3.77 -0.06 -2.12
C DTY A 3 -4.49 -0.03 -0.80
O DTY A 3 -5.71 -0.20 -0.71
CB DTY A 3 -4.79 0.06 -3.28
CG DTY A 3 -4.03 0.01 -4.57
CD1 DTY A 3 -3.30 -1.14 -4.93
CD2 DTY A 3 -3.96 1.13 -5.42
CE1 DTY A 3 -2.48 -1.15 -6.05
CE2 DTY A 3 -3.15 1.12 -6.57
CZ DTY A 3 -2.41 -0.02 -6.88
OH DTY A 3 -1.54 -0.03 -8.00
H DTY A 3 -2.95 1.79 -2.63
HA DTY A 3 -3.28 -1.03 -2.19
HB2 DTY A 3 -5.51 -0.78 -3.26
HB3 DTY A 3 -5.35 1.02 -3.21
HD1 DTY A 3 -4.51 2.04 -5.17
HD2 DTY A 3 -3.33 -2.01 -4.28
HE1 DTY A 3 -3.09 2.00 -7.20
HE2 DTY A 3 -1.91 -2.05 -6.28
HH DTY A 3 -0.90 -0.72 -7.85
N DSG A 4 -3.69 0.15 0.28
CA DSG A 4 -4.05 -0.24 1.62
C DSG A 4 -3.48 -1.61 1.82
O DSG A 4 -3.87 -2.32 2.73
CB DSG A 4 -3.43 0.65 2.73
CG DSG A 4 -3.87 2.11 2.61
OD1 DSG A 4 -3.02 2.98 2.41
ND2 DSG A 4 -5.19 2.37 2.75
H DSG A 4 -2.74 0.37 0.12
HA DSG A 4 -5.11 -0.31 1.71
HB2 DSG A 4 -3.72 0.25 3.73
HB3 DSG A 4 -2.32 0.61 2.66
HD21 DSG A 4 -5.86 1.64 2.92
HD22 DSG A 4 -5.51 3.33 2.69
N SER A 5 -2.51 -1.97 0.96
CA SER A 5 -1.80 -3.22 1.01
C SER A 5 -0.62 -2.98 1.91
N GLN A 6 0.22 -1.99 1.56
CA GLN A 6 1.29 -1.51 2.37
C GLN A 6 1.31 -0.13 1.81
N DSN A 7 1.71 0.90 2.59
CA DSN A 7 1.74 2.27 2.13
C DSN A 7 2.60 2.43 0.90
O DSN A 7 2.17 2.97 -0.12
CB DSN A 7 0.32 2.85 1.88
OG DSN A 7 -0.51 2.64 3.02
H DSN A 7 1.93 0.77 3.55
HA DSN A 7 2.19 2.85 2.92
HB2 DSN A 7 0.38 3.95 1.67
HB3 DSN A 7 -0.14 2.35 1.00
HG DSN A 7 -1.43 2.88 2.75
N THR A 8 3.83 1.88 0.95
CA THR A 8 4.82 1.96 -0.10
C THR A 8 4.60 0.86 -1.12
N BAL A 1 3.31 0.01 -0.96
CB BAL A 1 2.90 -1.05 -1.85
CA BAL A 1 2.43 -0.60 -3.26
C BAL A 1 1.06 0.04 -3.27
O BAL A 1 0.23 -0.28 -4.12
H BAL A 1 2.66 0.23 -0.22
HB3 BAL A 1 2.09 -1.56 -1.35
HB2 BAL A 1 3.78 -1.68 -1.96
HA1 BAL A 1 2.38 -1.49 -3.91
HA2 BAL A 1 3.17 0.11 -3.70
N ASP A 2 0.81 0.98 -2.32
CA ASP A 2 -0.39 1.68 -2.07
C ASP A 2 -1.52 0.72 -1.82
N DTY A 3 -2.76 1.20 -2.00
CA DTY A 3 -3.90 0.31 -2.15
C DTY A 3 -4.43 -0.13 -0.81
O DTY A 3 -5.50 -0.73 -0.73
CB DTY A 3 -5.08 0.95 -2.93
CG DTY A 3 -4.64 1.58 -4.24
CD1 DTY A 3 -5.19 2.81 -4.61
CD2 DTY A 3 -3.72 0.96 -5.11
CE1 DTY A 3 -4.85 3.42 -5.82
CE2 DTY A 3 -3.36 1.57 -6.31
CZ DTY A 3 -3.93 2.81 -6.68
OH DTY A 3 -3.58 3.38 -7.91
H DTY A 3 -2.93 2.14 -2.25
HA DTY A 3 -3.52 -0.56 -2.67
HB2 DTY A 3 -5.83 0.17 -3.16
HB3 DTY A 3 -5.55 1.73 -2.30
HD1 DTY A 3 -3.27 0.01 -4.85
HD2 DTY A 3 -5.91 3.30 -3.96
HE1 DTY A 3 -2.65 1.09 -6.97
HE2 DTY A 3 -5.30 4.37 -6.08
HH DTY A 3 -4.09 4.20 -8.01
N DSG A 4 -3.67 0.15 0.27
CA DSG A 4 -3.93 -0.37 1.58
C DSG A 4 -3.34 -1.75 1.64
O DSG A 4 -3.79 -2.59 2.43
CB DSG A 4 -3.26 0.43 2.73
CG DSG A 4 -3.73 1.89 2.72
OD1 DSG A 4 -2.95 2.77 2.35
ND2 DSG A 4 -5.00 2.15 3.14
H DSG A 4 -2.83 0.67 0.15
HA DSG A 4 -5.00 -0.44 1.74
HB2 DSG A 4 -3.50 -0.03 3.71
HB3 DSG A 4 -2.16 0.42 2.60
HD21 DSG A 4 -5.60 1.40 3.44
HD22 DSG A 4 -5.33 3.09 3.15
N SER A 5 -2.31 -2.01 0.81
CA SER A 5 -1.56 -3.24 0.88
C SER A 5 -0.46 -2.99 1.87
N GLN A 6 0.32 -1.93 1.61
CA GLN A 6 1.27 -1.34 2.49
C GLN A 6 1.18 0.02 1.91
N DSN A 7 1.67 1.06 2.63
CA DSN A 7 1.75 2.42 2.14
C DSN A 7 2.61 2.49 0.91
O DSN A 7 2.25 3.09 -0.10
CB DSN A 7 0.36 3.06 1.88
OG DSN A 7 -0.45 2.93 3.04
H DSN A 7 1.96 0.94 3.58
HA DSN A 7 2.24 3.00 2.91
HB2 DSN A 7 0.48 4.13 1.63
HB3 DSN A 7 -0.15 2.54 1.04
HG DSN A 7 -1.38 2.98 2.74
N THR A 8 3.77 1.80 0.96
CA THR A 8 4.76 1.81 -0.09
C THR A 8 4.48 0.69 -1.08
N BAL A 1 3.11 -0.08 -1.01
CB BAL A 1 2.63 -0.99 -2.02
CA BAL A 1 2.33 -0.34 -3.41
C BAL A 1 1.02 0.39 -3.42
O BAL A 1 0.18 0.12 -4.29
H BAL A 1 2.44 0.18 -0.30
HB3 BAL A 1 1.72 -1.42 -1.61
HB2 BAL A 1 3.41 -1.72 -2.14
HA1 BAL A 1 2.27 -1.15 -4.16
HA2 BAL A 1 3.16 0.34 -3.69
N ASP A 2 0.81 1.36 -2.48
CA ASP A 2 -0.42 2.06 -2.23
C ASP A 2 -1.48 1.03 -1.90
N DTY A 3 -2.75 1.30 -2.22
CA DTY A 3 -3.77 0.26 -2.26
C DTY A 3 -4.36 0.05 -0.90
O DTY A 3 -5.58 0.03 -0.70
CB DTY A 3 -4.93 0.61 -3.24
CG DTY A 3 -4.42 0.98 -4.62
CD1 DTY A 3 -3.42 0.25 -5.26
CD2 DTY A 3 -4.99 2.09 -5.28
CE1 DTY A 3 -2.97 0.63 -6.54
CE2 DTY A 3 -4.56 2.46 -6.55
CZ DTY A 3 -3.54 1.73 -7.18
OH DTY A 3 -3.09 2.09 -8.47
H DTY A 3 -2.99 2.18 -2.61
HA DTY A 3 -3.30 -0.64 -2.57
HB2 DTY A 3 -5.60 -0.27 -3.34
HB3 DTY A 3 -5.53 1.46 -2.84
HD1 DTY A 3 -5.76 2.66 -4.79
HD2 DTY A 3 -2.95 -0.60 -4.79
HE1 DTY A 3 -5.00 3.32 -7.03
HE2 DTY A 3 -2.19 0.06 -7.02
HH DTY A 3 -3.59 2.86 -8.77
N DSG A 4 -3.49 -0.13 0.11
CA DSG A 4 -3.82 -0.46 1.46
C DSG A 4 -3.24 -1.81 1.76
O DSG A 4 -3.73 -2.50 2.64
CB DSG A 4 -3.24 0.52 2.52
CG DSG A 4 -3.82 1.93 2.36
OD1 DSG A 4 -3.08 2.87 2.05
ND2 DSG A 4 -5.17 2.08 2.57
H DSG A 4 -2.51 -0.06 -0.14
HA DSG A 4 -4.89 -0.54 1.57
HB2 DSG A 4 -3.46 0.15 3.54
HB3 DSG A 4 -2.13 0.58 2.41
HD21 DSG A 4 -5.73 1.29 2.78
HD22 DSG A 4 -5.57 2.99 2.48
N SER A 5 -2.18 -2.22 1.02
CA SER A 5 -1.46 -3.43 1.31
C SER A 5 -0.36 -3.03 2.25
N GLN A 6 0.44 -2.05 1.82
CA GLN A 6 1.37 -1.32 2.62
C GLN A 6 1.15 0.00 1.98
N DSN A 7 1.55 1.12 2.63
CA DSN A 7 1.61 2.44 2.01
C DSN A 7 2.53 2.40 0.81
O DSN A 7 2.22 2.92 -0.26
CB DSN A 7 0.22 3.01 1.64
OG DSN A 7 -0.61 3.05 2.80
H DSN A 7 1.87 1.10 3.57
HA DSN A 7 2.07 3.10 2.73
HB2 DSN A 7 0.32 4.04 1.24
HB3 DSN A 7 -0.27 2.38 0.88
HG DSN A 7 -1.54 3.09 2.47
N THR A 8 3.66 1.69 0.97
CA THR A 8 4.72 1.47 0.02
C THR A 8 4.34 0.44 -1.03
N BAL A 1 2.86 0.06 -0.97
CB BAL A 1 2.35 -0.95 -1.88
CA BAL A 1 2.19 -0.52 -3.38
C BAL A 1 1.05 0.42 -3.62
O BAL A 1 0.43 0.37 -4.69
H BAL A 1 2.28 0.28 -0.19
HB3 BAL A 1 1.38 -1.23 -1.48
HB2 BAL A 1 3.08 -1.75 -1.83
HA1 BAL A 1 1.98 -1.45 -3.96
HA2 BAL A 1 3.12 -0.09 -3.76
N ASP A 2 0.73 1.29 -2.62
CA ASP A 2 -0.50 2.02 -2.46
C ASP A 2 -1.54 0.95 -2.20
N DTY A 3 -2.83 1.23 -2.49
CA DTY A 3 -3.90 0.24 -2.43
C DTY A 3 -4.37 0.15 -1.02
O DTY A 3 -5.51 0.47 -0.67
CB DTY A 3 -5.09 0.60 -3.36
CG DTY A 3 -4.56 0.88 -4.74
CD1 DTY A 3 -4.39 2.21 -5.18
CD2 DTY A 3 -4.13 -0.17 -5.58
CE1 DTY A 3 -3.78 2.49 -6.40
CE2 DTY A 3 -3.52 0.11 -6.81
CZ DTY A 3 -3.33 1.43 -7.22
OH DTY A 3 -2.69 1.69 -8.45
H DTY A 3 -3.09 2.14 -2.81
HA DTY A 3 -3.47 -0.71 -2.70
HB2 DTY A 3 -5.81 -0.24 -3.42
HB3 DTY A 3 -5.63 1.50 -3.00
HD1 DTY A 3 -4.24 -1.19 -5.25
HD2 DTY A 3 -4.70 3.03 -4.54
HE1 DTY A 3 -3.18 -0.72 -7.43
HE2 DTY A 3 -3.63 3.51 -6.70
HH DTY A 3 -2.49 2.63 -8.48
N DSG A 4 -3.43 -0.26 -0.15
CA DSG A 4 -3.51 -0.23 1.28
C DSG A 4 -3.08 -1.58 1.75
O DSG A 4 -3.58 -2.07 2.76
CB DSG A 4 -2.56 0.87 1.83
CG DSG A 4 -2.46 0.88 3.36
OD1 DSG A 4 -1.35 0.76 3.91
ND2 DSG A 4 -3.61 1.06 4.06
H DSG A 4 -2.53 -0.43 -0.56
HA DSG A 4 -4.54 -0.08 1.58
HB2 DSG A 4 -1.54 0.69 1.43
HB3 DSG A 4 -2.90 1.86 1.49
HD21 DSG A 4 -4.49 1.17 3.59
HD22 DSG A 4 -3.59 1.02 5.07
N SER A 5 -2.11 -2.23 1.06
CA SER A 5 -1.56 -3.45 1.54
C SER A 5 -0.40 -3.09 2.44
N GLN A 6 0.38 -2.09 2.00
CA GLN A 6 1.47 -1.52 2.71
C GLN A 6 1.35 -0.13 2.18
N DSN A 7 1.88 0.87 2.91
CA DSN A 7 1.95 2.27 2.51
C DSN A 7 2.55 2.40 1.14
O DSN A 7 2.00 3.03 0.24
CB DSN A 7 0.61 3.02 2.59
OG DSN A 7 0.08 2.91 3.92
H DSN A 7 2.26 0.69 3.82
HA DSN A 7 2.62 2.74 3.19
HB2 DSN A 7 0.75 4.09 2.36
HB3 DSN A 7 -0.12 2.59 1.87
HG DSN A 7 -0.41 2.05 3.95
N THR A 8 3.71 1.75 0.97
CA THR A 8 4.51 1.73 -0.21
C THR A 8 4.07 0.64 -1.16
N BAL A 1 3.17 0.12 -0.90
CB BAL A 1 2.81 -1.03 -1.69
CA BAL A 1 2.39 -0.78 -3.18
C BAL A 1 1.09 -0.03 -3.34
O BAL A 1 0.41 -0.14 -4.36
H BAL A 1 2.59 0.30 -0.09
HB3 BAL A 1 1.98 -1.49 -1.17
HB2 BAL A 1 3.69 -1.65 -1.70
HA1 BAL A 1 2.25 -1.77 -3.67
HA2 BAL A 1 3.20 -0.24 -3.71
N ASP A 2 0.74 0.79 -2.32
CA ASP A 2 -0.45 1.55 -2.16
C ASP A 2 -1.59 0.57 -2.06
N DTY A 3 -2.84 0.99 -2.32
CA DTY A 3 -3.99 0.11 -2.28
C DTY A 3 -4.48 -0.03 -0.85
O DTY A 3 -5.61 -0.41 -0.59
CB DTY A 3 -5.15 0.60 -3.18
CG DTY A 3 -4.63 0.78 -4.57
CD1 DTY A 3 -4.24 -0.33 -5.35
CD2 DTY A 3 -4.43 2.07 -5.09
CE1 DTY A 3 -3.64 -0.14 -6.61
CE2 DTY A 3 -3.81 2.26 -6.34
CZ DTY A 3 -3.41 1.15 -7.09
OH DTY A 3 -2.76 1.33 -8.33
H DTY A 3 -3.01 1.93 -2.63
HA DTY A 3 -3.66 -0.86 -2.61
HB2 DTY A 3 -5.97 -0.17 -3.21
HB3 DTY A 3 -5.57 1.56 -2.81
HD1 DTY A 3 -4.72 2.94 -4.51
HD2 DTY A 3 -4.38 -1.32 -4.98
HE1 DTY A 3 -3.64 3.27 -6.69
HE2 DTY A 3 -3.33 -1.01 -7.19
HH DTY A 3 -2.48 2.24 -8.39
N DSG A 4 -3.57 0.28 0.09
CA DSG A 4 -3.63 0.05 1.49
C DSG A 4 -3.16 -1.37 1.68
O DSG A 4 -3.60 -2.04 2.61
CB DSG A 4 -2.67 1.04 2.22
CG DSG A 4 -2.73 1.07 3.76
OD1 DSG A 4 -2.26 2.07 4.32
ND2 DSG A 4 -3.24 0.01 4.43
H DSG A 4 -2.69 0.62 -0.25
HA DSG A 4 -4.66 0.14 1.82
HB2 DSG A 4 -1.62 0.83 1.93
HB3 DSG A 4 -2.92 2.06 1.88
HD21 DSG A 4 -3.51 -0.83 3.94
HD22 DSG A 4 -3.30 0.04 5.43
N SER A 5 -2.23 -1.84 0.81
CA SER A 5 -1.66 -3.16 0.93
C SER A 5 -0.51 -3.04 1.90
N GLN A 6 0.39 -2.08 1.62
CA GLN A 6 1.42 -1.61 2.49
C GLN A 6 1.35 -0.18 2.07
N DSN A 7 1.93 0.74 2.86
CA DSN A 7 1.99 2.17 2.60
C DSN A 7 2.50 2.45 1.21
O DSN A 7 1.84 3.05 0.37
CB DSN A 7 0.66 2.89 2.88
OG DSN A 7 0.27 2.62 4.22
H DSN A 7 2.32 0.49 3.74
HA DSN A 7 2.72 2.57 3.28
HB2 DSN A 7 0.78 3.99 2.75
HB3 DSN A 7 -0.13 2.53 2.18
HG DSN A 7 -0.71 2.52 4.24
N THR A 8 3.73 1.94 0.94
CA THR A 8 4.42 2.15 -0.30
C THR A 8 4.21 0.94 -1.19
N BAL A 1 2.36 3.18 0.15
CB BAL A 1 1.10 3.66 0.65
CA BAL A 1 -0.02 2.61 0.48
C BAL A 1 -0.39 2.39 -0.96
O BAL A 1 -1.36 2.96 -1.45
H BAL A 1 2.45 3.03 -0.83
HB3 BAL A 1 0.86 4.54 0.07
HB2 BAL A 1 1.22 3.88 1.70
HA1 BAL A 1 -0.91 2.95 1.05
HA2 BAL A 1 0.33 1.65 0.94
N ASP A 2 0.35 1.51 -1.65
CA ASP A 2 0.08 1.12 -3.01
C ASP A 2 -0.43 -0.28 -2.83
N DTY A 3 -1.75 -0.40 -2.62
CA DTY A 3 -2.36 -1.64 -2.18
C DTY A 3 -3.19 -1.27 -0.98
O DTY A 3 -4.03 -2.05 -0.53
CB DTY A 3 -3.29 -2.29 -3.23
CG DTY A 3 -2.47 -2.73 -4.41
CD1 DTY A 3 -2.53 -2.06 -5.63
CD2 DTY A 3 -1.59 -3.82 -4.26
CE1 DTY A 3 -1.72 -2.45 -6.70
CE2 DTY A 3 -0.76 -4.22 -5.33
CZ DTY A 3 -0.82 -3.52 -6.54
OH DTY A 3 0.02 -3.93 -7.60
H DTY A 3 -2.37 0.38 -2.70
HA DTY A 3 -1.60 -2.33 -1.85
HB2 DTY A 3 -3.80 -3.18 -2.81
HB3 DTY A 3 -4.07 -1.56 -3.57
HD1 DTY A 3 -1.51 -4.34 -3.32
HD2 DTY A 3 -3.20 -1.22 -5.75
HE1 DTY A 3 -0.08 -5.03 -5.19
HE2 DTY A 3 -1.78 -1.91 -7.63
HH DTY A 3 -0.16 -3.38 -8.36
N DSG A 4 -2.94 -0.06 -0.42
CA DSG A 4 -3.73 0.48 0.66
C DSG A 4 -2.94 0.17 1.89
O DSG A 4 -2.26 1.02 2.45
CB DSG A 4 -3.94 2.03 0.60
CG DSG A 4 -4.76 2.44 -0.62
OD1 DSG A 4 -5.99 2.32 -0.62
ND2 DSG A 4 -4.07 2.94 -1.69
H DSG A 4 -2.14 0.46 -0.68
HA DSG A 4 -4.70 0.00 0.70
HB2 DSG A 4 -4.49 2.35 1.51
HB3 DSG A 4 -2.96 2.56 0.60
HD21 DSG A 4 -3.06 3.03 -1.65
HD22 DSG A 4 -4.58 3.28 -2.48
N SER A 5 -3.00 -1.11 2.31
CA SER A 5 -2.40 -1.60 3.51
C SER A 5 -1.10 -2.30 3.18
N GLN A 6 -0.65 -2.21 1.92
CA GLN A 6 0.58 -2.81 1.48
C GLN A 6 1.06 -1.73 0.57
N DSN A 7 2.31 -1.84 0.09
CA DSN A 7 2.90 -0.96 -0.85
C DSN A 7 3.77 -0.05 -0.05
O DSN A 7 4.17 -0.37 1.06
CB DSN A 7 3.67 -1.75 -1.94
OG DSN A 7 4.30 -2.89 -1.36
H DSN A 7 2.97 -2.53 0.38
HA DSN A 7 2.14 -0.38 -1.34
HB2 DSN A 7 2.93 -2.11 -2.69
HB3 DSN A 7 4.40 -1.10 -2.45
HG DSN A 7 4.73 -3.35 -2.09
N THR A 8 4.01 1.16 -0.59
CA THR A 8 4.56 2.28 0.11
C THR A 8 3.43 2.87 0.89
N BAL A 1 2.76 2.76 0.81
CB BAL A 1 1.47 3.26 1.18
CA BAL A 1 0.38 2.16 1.04
C BAL A 1 -0.27 2.10 -0.32
O BAL A 1 -1.49 2.15 -0.45
H BAL A 1 3.10 1.96 1.31
HB3 BAL A 1 1.21 4.12 0.59
HB2 BAL A 1 1.58 3.48 2.24
HA1 BAL A 1 -0.42 2.36 1.79
HA2 BAL A 1 0.83 1.17 1.28
N ASP A 2 0.54 1.92 -1.39
CA ASP A 2 0.06 1.76 -2.74
C ASP A 2 -0.32 0.30 -2.87
N DTY A 3 -1.58 -0.01 -2.51
CA DTY A 3 -2.04 -1.35 -2.30
C DTY A 3 -2.96 -1.30 -1.11
O DTY A 3 -3.63 -2.29 -0.80
CB DTY A 3 -2.88 -1.93 -3.47
CG DTY A 3 -2.03 -1.98 -4.71
CD1 DTY A 3 -1.01 -2.95 -4.84
CD2 DTY A 3 -2.21 -1.04 -5.73
CE1 DTY A 3 -0.18 -2.95 -5.96
CE2 DTY A 3 -1.37 -1.02 -6.86
CZ DTY A 3 -0.34 -1.98 -6.97
OH DTY A 3 0.54 -1.95 -8.06
H DTY A 3 -2.21 0.71 -2.24
HA DTY A 3 -1.21 -2.00 -2.05
HB2 DTY A 3 -3.22 -2.96 -3.24
HB3 DTY A 3 -3.77 -1.29 -3.66
HD1 DTY A 3 -2.98 -0.29 -5.64
HD2 DTY A 3 -0.85 -3.68 -4.06
HE1 DTY A 3 -1.52 -0.27 -7.61
HE2 DTY A 3 0.62 -3.67 -6.04
HH DTY A 3 0.34 -1.17 -8.59
N DSG A 4 -3.04 -0.15 -0.38
CA DSG A 4 -4.04 0.05 0.64
C DSG A 4 -3.32 -0.18 1.93
O DSG A 4 -2.93 0.74 2.63
CB DSG A 4 -4.68 1.46 0.64
CG DSG A 4 -5.89 1.50 1.60
OD1 DSG A 4 -6.79 0.68 1.48
ND2 DSG A 4 -5.91 2.47 2.56
H DSG A 4 -2.37 0.60 -0.46
HA DSG A 4 -4.82 -0.69 0.53
HB2 DSG A 4 -3.94 2.24 0.90
HB3 DSG A 4 -5.06 1.69 -0.38
HD21 DSG A 4 -5.11 3.08 2.67
HD22 DSG A 4 -6.69 2.53 3.17
N SER A 5 -3.13 -1.48 2.24
CA SER A 5 -2.61 -1.95 3.49
C SER A 5 -1.17 -2.35 3.34
N GLN A 6 -0.65 -2.33 2.09
CA GLN A 6 0.69 -2.70 1.78
C GLN A 6 0.96 -1.76 0.66
N DSN A 7 2.22 -1.75 0.17
CA DSN A 7 2.60 -0.92 -0.92
C DSN A 7 3.58 0.04 -0.38
O DSN A 7 4.02 -0.07 0.77
CB DSN A 7 3.11 -1.71 -2.14
OG DSN A 7 2.07 -2.54 -2.64
H DSN A 7 2.97 -2.26 0.58
HA DSN A 7 1.75 -0.35 -1.24
HB2 DSN A 7 3.41 -1.00 -2.96
HB3 DSN A 7 3.99 -2.34 -1.87
HG DSN A 7 1.41 -1.90 -3.00
N THR A 8 3.89 1.10 -1.16
CA THR A 8 4.55 2.28 -0.71
C THR A 8 3.45 3.19 -0.26
N BAL A 1 2.43 2.90 0.66
CB BAL A 1 1.16 3.55 0.71
CA BAL A 1 0.02 2.53 0.53
C BAL A 1 -0.38 2.31 -0.90
O BAL A 1 -1.55 2.49 -1.26
H BAL A 1 2.54 2.10 1.26
HB3 BAL A 1 1.11 4.32 -0.06
HB2 BAL A 1 1.12 3.95 1.71
HA1 BAL A 1 -0.86 2.88 1.11
HA2 BAL A 1 0.35 1.56 0.97
N ASP A 2 0.55 1.86 -1.76
CA ASP A 2 0.25 1.45 -3.11
C ASP A 2 -0.21 0.01 -3.01
N DTY A 3 -1.45 -0.20 -2.54
CA DTY A 3 -2.02 -1.47 -2.21
C DTY A 3 -3.11 -1.06 -1.27
O DTY A 3 -4.29 -1.32 -1.51
CB DTY A 3 -2.68 -2.26 -3.38
CG DTY A 3 -1.62 -2.81 -4.30
CD1 DTY A 3 -1.47 -2.30 -5.61
CD2 DTY A 3 -0.77 -3.82 -3.86
CE1 DTY A 3 -0.45 -2.78 -6.44
CE2 DTY A 3 0.26 -4.31 -4.69
CZ DTY A 3 0.42 -3.79 -5.98
OH DTY A 3 1.47 -4.24 -6.82
H DTY A 3 -2.01 0.58 -2.24
HA DTY A 3 -1.30 -2.06 -1.66
HB2 DTY A 3 -3.26 -3.12 -2.98
HB3 DTY A 3 -3.36 -1.60 -3.96
HD1 DTY A 3 -0.87 -4.23 -2.87
HD2 DTY A 3 -2.11 -1.51 -5.96
HE1 DTY A 3 0.93 -5.07 -4.31
HE2 DTY A 3 -0.32 -2.37 -7.43
HH DTY A 3 2.06 -4.77 -6.27
N DSG A 4 -2.74 -0.34 -0.20
CA DSG A 4 -3.70 0.16 0.77
C DSG A 4 -2.97 0.00 2.04
O DSG A 4 -2.31 0.92 2.53
CB DSG A 4 -4.08 1.66 0.64
CG DSG A 4 -4.92 1.88 -0.61
OD1 DSG A 4 -6.15 1.71 -0.58
ND2 DSG A 4 -4.25 2.25 -1.74
H DSG A 4 -1.77 -0.22 0.05
HA DSG A 4 -4.59 -0.45 0.77
HB2 DSG A 4 -4.69 1.96 1.52
HB3 DSG A 4 -3.18 2.30 0.63
HD21 DSG A 4 -3.25 2.44 -1.68
HD22 DSG A 4 -4.75 2.34 -2.59
N SER A 5 -3.04 -1.22 2.61
CA SER A 5 -2.31 -1.56 3.79
C SER A 5 -0.92 -1.96 3.37
N GLN A 6 -0.83 -2.50 2.15
CA GLN A 6 0.36 -2.98 1.54
C GLN A 6 0.82 -1.85 0.68
N DSN A 7 2.05 -1.96 0.15
CA DSN A 7 2.55 -1.01 -0.80
C DSN A 7 3.34 0.03 -0.08
O DSN A 7 3.41 0.04 1.15
CB DSN A 7 3.33 -1.67 -1.95
OG DSN A 7 2.45 -2.60 -2.59
H DSN A 7 2.66 -2.72 0.34
HA DSN A 7 1.71 -0.49 -1.23
HB2 DSN A 7 3.64 -0.92 -2.71
HB3 DSN A 7 4.23 -2.21 -1.57
HG DSN A 7 1.71 -2.06 -2.94
N THR A 8 3.88 1.01 -0.83
CA THR A 8 4.50 2.18 -0.27
C THR A 8 3.40 3.19 -0.22
N BAL A 1 2.45 3.18 -0.10
CB BAL A 1 1.16 3.73 0.19
CA BAL A 1 0.06 2.64 0.33
C BAL A 1 -0.45 2.18 -1.01
O BAL A 1 -1.64 2.27 -1.30
H BAL A 1 2.66 2.92 -1.04
HB3 BAL A 1 0.92 4.40 -0.61
HB2 BAL A 1 1.24 4.25 1.15
HA1 BAL A 1 -0.79 3.06 0.91
HA2 BAL A 1 0.48 1.78 0.90
N ASP A 2 0.44 1.61 -1.86
CA ASP A 2 0.09 1.10 -3.15
C ASP A 2 -0.44 -0.28 -2.93
N DTY A 3 -1.74 -0.35 -2.63
CA DTY A 3 -2.42 -1.56 -2.24
C DTY A 3 -3.00 -1.33 -0.87
O DTY A 3 -3.53 -2.24 -0.26
CB DTY A 3 -3.61 -1.92 -3.17
CG DTY A 3 -3.18 -2.02 -4.60
CD1 DTY A 3 -3.77 -1.19 -5.58
CD2 DTY A 3 -2.19 -2.94 -5.01
CE1 DTY A 3 -3.38 -1.27 -6.93
CE2 DTY A 3 -1.80 -3.01 -6.35
CZ DTY A 3 -2.39 -2.18 -7.31
OH DTY A 3 -1.99 -2.27 -8.66
H DTY A 3 -2.29 0.48 -2.60
HA DTY A 3 -1.71 -2.39 -2.18
HB2 DTY A 3 -4.05 -2.89 -2.87
HB3 DTY A 3 -4.40 -1.14 -3.08
HD1 DTY A 3 -1.72 -3.58 -4.28
HD2 DTY A 3 -4.54 -0.49 -5.30
HE1 DTY A 3 -1.03 -3.72 -6.64
HE2 DTY A 3 -3.85 -0.62 -7.65
HH DTY A 3 -2.51 -1.66 -9.17
N DSG A 4 -2.94 -0.07 -0.37
CA DSG A 4 -3.77 0.38 0.71
C DSG A 4 -2.95 0.24 1.95
O DSG A 4 -2.39 1.20 2.47
CB DSG A 4 -4.23 1.87 0.61
CG DSG A 4 -5.16 2.10 -0.60
OD1 DSG A 4 -5.45 1.18 -1.37
ND2 DSG A 4 -5.63 3.37 -0.76
H DSG A 4 -2.35 0.63 -0.75
HA DSG A 4 -4.65 -0.25 0.79
HB2 DSG A 4 -4.79 2.15 1.54
HB3 DSG A 4 -3.35 2.54 0.52
HD21 DSG A 4 -5.36 4.09 -0.13
HD22 DSG A 4 -6.23 3.57 -1.52
N SER A 5 -2.87 -1.00 2.42
CA SER A 5 -2.23 -1.38 3.65
C SER A 5 -0.98 -2.12 3.32
N GLN A 6 -0.68 -2.25 2.02
CA GLN A 6 0.48 -2.90 1.51
C GLN A 6 0.93 -1.85 0.56
N DSN A 7 2.18 -1.94 0.09
CA DSN A 7 2.78 -0.99 -0.78
C DSN A 7 3.53 -0.04 0.12
O DSN A 7 3.60 -0.26 1.33
CB DSN A 7 3.69 -1.69 -1.81
OG DSN A 7 4.38 -2.77 -1.21
H DSN A 7 2.87 -2.61 0.37
HA DSN A 7 2.01 -0.44 -1.30
HB2 DSN A 7 3.03 -2.10 -2.62
HB3 DSN A 7 4.40 -0.98 -2.28
HG DSN A 7 4.88 -3.21 -1.91
N THR A 8 4.05 1.06 -0.44
CA THR A 8 4.58 2.16 0.30
C THR A 8 3.41 2.94 0.83
N BAL A 1 2.60 3.20 0.18
CB BAL A 1 1.42 3.46 0.96
CA BAL A 1 0.40 2.28 1.00
C BAL A 1 -0.33 2.11 -0.31
O BAL A 1 -1.56 2.12 -0.35
H BAL A 1 2.60 3.45 -0.79
HB3 BAL A 1 0.95 4.33 0.52
HB2 BAL A 1 1.76 3.65 1.97
HA1 BAL A 1 -0.35 2.47 1.79
HA2 BAL A 1 0.93 1.34 1.26
N ASP A 2 0.40 1.90 -1.41
CA ASP A 2 -0.14 1.85 -2.74
C ASP A 2 -0.50 0.41 -2.94
N DTY A 3 -1.74 0.06 -2.56
CA DTY A 3 -2.18 -1.30 -2.41
C DTY A 3 -3.14 -1.28 -1.24
O DTY A 3 -3.91 -2.23 -1.06
CB DTY A 3 -2.96 -1.85 -3.64
CG DTY A 3 -2.06 -1.89 -4.84
CD1 DTY A 3 -1.02 -2.84 -4.93
CD2 DTY A 3 -2.21 -0.96 -5.87
CE1 DTY A 3 -0.14 -2.84 -6.02
CE2 DTY A 3 -1.33 -0.97 -6.97
CZ DTY A 3 -0.29 -1.90 -7.03
OH DTY A 3 0.61 -1.90 -8.12
H DTY A 3 -2.38 0.76 -2.23
HA DTY A 3 -1.34 -1.93 -2.15
HB2 DTY A 3 -3.29 -2.90 -3.43
HB3 DTY A 3 -3.84 -1.23 -3.86
HD1 DTY A 3 -2.99 -0.22 -5.82
HD2 DTY A 3 -0.89 -3.57 -4.14
HE1 DTY A 3 -1.46 -0.22 -7.75
HE2 DTY A 3 0.66 -3.57 -6.06
HH DTY A 3 0.35 -1.21 -8.73
N DSG A 4 -3.13 -0.21 -0.41
CA DSG A 4 -4.08 -0.06 0.67
C DSG A 4 -3.27 -0.33 1.90
O DSG A 4 -2.78 0.58 2.56
CB DSG A 4 -4.74 1.34 0.78
CG DSG A 4 -5.85 1.34 1.85
OD1 DSG A 4 -6.80 0.55 1.76
ND2 DSG A 4 -5.74 2.24 2.87
H DSG A 4 -2.42 0.50 -0.41
HA DSG A 4 -4.86 -0.81 0.59
HB2 DSG A 4 -3.98 2.12 0.99
HB3 DSG A 4 -5.22 1.58 -0.19
HD21 DSG A 4 -4.91 2.78 2.98
HD22 DSG A 4 -6.48 2.30 3.54
N SER A 5 -3.11 -1.62 2.21
CA SER A 5 -2.54 -2.07 3.46
C SER A 5 -1.05 -2.07 3.42
N GLN A 6 -0.46 -2.22 2.22
CA GLN A 6 0.96 -2.32 2.02
C GLN A 6 1.05 -1.78 0.65
N DSN A 7 2.28 -1.64 0.13
CA DSN A 7 2.56 -0.98 -1.09
C DSN A 7 3.72 -0.20 -0.56
O DSN A 7 4.34 -0.66 0.41
CB DSN A 7 2.91 -1.88 -2.28
OG DSN A 7 2.83 -1.15 -3.50
H DSN A 7 3.15 -1.73 0.65
HA DSN A 7 1.74 -0.30 -1.31
HB2 DSN A 7 3.91 -2.33 -2.17
HB3 DSN A 7 2.15 -2.70 -2.34
HG DSN A 7 1.88 -0.93 -3.61
N THR A 8 3.95 1.01 -1.08
CA THR A 8 4.66 2.06 -0.40
C THR A 8 3.69 2.56 0.65
N BAL A 1 2.30 2.62 0.48
CB BAL A 1 1.15 3.47 0.62
CA BAL A 1 -0.22 2.73 0.59
C BAL A 1 -0.66 2.30 -0.78
O BAL A 1 -1.86 2.15 -1.03
H BAL A 1 2.17 1.64 0.65
HB3 BAL A 1 1.17 4.21 -0.17
HB2 BAL A 1 1.26 3.91 1.60
HA1 BAL A 1 -1.00 3.41 1.00
HA2 BAL A 1 -0.18 1.84 1.26
N ASP A 2 0.28 2.03 -1.71
CA ASP A 2 -0.01 1.58 -3.05
C ASP A 2 -0.23 0.09 -2.96
N DTY A 3 -1.43 -0.28 -2.49
CA DTY A 3 -1.78 -1.61 -2.08
C DTY A 3 -2.64 -1.53 -0.85
O DTY A 3 -2.95 -2.56 -0.24
CB DTY A 3 -2.59 -2.40 -3.16
CG DTY A 3 -1.74 -2.63 -4.37
CD1 DTY A 3 -1.99 -1.94 -5.58
CD2 DTY A 3 -0.64 -3.51 -4.32
CE1 DTY A 3 -1.16 -2.11 -6.69
CE2 DTY A 3 0.19 -3.69 -5.42
CZ DTY A 3 -0.06 -2.98 -6.61
OH DTY A 3 0.79 -3.14 -7.73
H DTY A 3 -2.10 0.43 -2.32
HA DTY A 3 -0.88 -2.15 -1.82
HB2 DTY A 3 -2.89 -3.40 -2.76
HB3 DTY A 3 -3.50 -1.84 -3.45
HD1 DTY A 3 -0.43 -4.05 -3.40
HD2 DTY A 3 -2.82 -1.25 -5.64
HE1 DTY A 3 1.03 -4.35 -5.35
HE2 DTY A 3 -1.36 -1.57 -7.60
HH DTY A 3 1.55 -3.65 -7.45
N DSG A 4 -3.05 -0.30 -0.42
CA DSG A 4 -4.08 -0.10 0.58
C DSG A 4 -3.32 -0.01 1.86
O DSG A 4 -2.89 1.05 2.29
CB DSG A 4 -4.92 1.20 0.37
CG DSG A 4 -6.11 1.23 1.35
OD1 DSG A 4 -6.55 0.17 1.83
ND2 DSG A 4 -6.66 2.45 1.63
H DSG A 4 -2.59 0.55 -0.64
HA DSG A 4 -4.73 -0.96 0.59
HB2 DSG A 4 -4.30 2.10 0.50
HB3 DSG A 4 -5.33 1.19 -0.67
HD21 DSG A 4 -6.28 3.27 1.23
HD22 DSG A 4 -7.43 2.49 2.27
N SER A 5 -3.12 -1.20 2.44
CA SER A 5 -2.37 -1.39 3.66
C SER A 5 -0.98 -1.78 3.29
N GLN A 6 -0.80 -2.25 2.04
CA GLN A 6 0.46 -2.74 1.54
C GLN A 6 1.03 -1.63 0.69
N DSN A 7 2.17 -1.90 0.04
CA DSN A 7 2.75 -0.98 -0.91
C DSN A 7 3.76 -0.16 -0.18
O DSN A 7 4.26 -0.54 0.87
CB DSN A 7 3.36 -1.69 -2.12
OG DSN A 7 2.39 -2.56 -2.69
H DSN A 7 2.66 -2.75 0.13
HA DSN A 7 1.98 -0.32 -1.25
HB2 DSN A 7 3.66 -0.94 -2.89
HB3 DSN A 7 4.25 -2.29 -1.83
HG DSN A 7 1.69 -1.96 -3.02
N THR A 8 4.01 1.05 -0.71
CA THR A 8 4.66 2.12 0.01
C THR A 8 3.54 3.12 0.20
N BAL A 1 2.55 3.07 0.22
CB BAL A 1 1.37 3.40 0.99
CA BAL A 1 0.25 2.31 0.95
C BAL A 1 -0.45 2.20 -0.37
O BAL A 1 -1.67 2.30 -0.48
H BAL A 1 2.53 3.21 -0.77
HB3 BAL A 1 0.99 4.32 0.57
HB2 BAL A 1 1.69 3.52 2.02
HA1 BAL A 1 -0.51 2.57 1.72
HA2 BAL A 1 0.69 1.32 1.22
N ASP A 2 0.31 1.93 -1.46
CA ASP A 2 -0.21 1.84 -2.79
C ASP A 2 -0.51 0.39 -2.95
N DTY A 3 -1.74 0.00 -2.57
CA DTY A 3 -2.15 -1.36 -2.46
C DTY A 3 -3.19 -1.37 -1.38
O DTY A 3 -4.02 -2.27 -1.33
CB DTY A 3 -2.78 -1.96 -3.76
CG DTY A 3 -1.72 -2.18 -4.80
CD1 DTY A 3 -1.49 -1.25 -5.82
CD2 DTY A 3 -0.92 -3.33 -4.74
CE1 DTY A 3 -0.46 -1.45 -6.75
CE2 DTY A 3 0.11 -3.54 -5.67
CZ DTY A 3 0.35 -2.58 -6.68
OH DTY A 3 1.39 -2.76 -7.61
H DTY A 3 -2.39 0.68 -2.23
HA DTY A 3 -1.32 -1.97 -2.12
HB2 DTY A 3 -3.25 -2.94 -3.55
HB3 DTY A 3 -3.56 -1.27 -4.16
HD1 DTY A 3 -1.07 -4.07 -3.96
HD2 DTY A 3 -2.09 -0.35 -5.88
HE1 DTY A 3 0.73 -4.42 -5.59
HE2 DTY A 3 -0.28 -0.70 -7.52
HH DTY A 3 1.83 -3.60 -7.43
N DSG A 4 -3.17 -0.37 -0.46
CA DSG A 4 -4.05 -0.38 0.69
C DSG A 4 -3.10 -0.12 1.81
O DSG A 4 -2.66 1.00 2.02
CB DSG A 4 -5.16 0.72 0.70
CG DSG A 4 -6.02 0.59 1.99
OD1 DSG A 4 -5.85 -0.34 2.79
ND2 DSG A 4 -6.96 1.56 2.15
H DSG A 4 -2.47 0.34 -0.40
HA DSG A 4 -4.50 -1.35 0.81
HB2 DSG A 4 -4.69 1.73 0.66
HB3 DSG A 4 -5.81 0.58 -0.18
HD21 DSG A 4 -7.03 2.31 1.50
HD22 DSG A 4 -7.56 1.53 2.95
N SER A 5 -2.79 -1.19 2.54
CA SER A 5 -2.03 -1.14 3.75
C SER A 5 -0.87 -2.03 3.47
N GLN A 6 -0.48 -2.07 2.19
CA GLN A 6 0.61 -2.81 1.65
C GLN A 6 0.92 -1.84 0.57
N DSN A 7 2.17 -1.82 0.06
CA DSN A 7 2.54 -1.01 -1.05
C DSN A 7 3.70 -0.28 -0.51
O DSN A 7 4.37 -0.77 0.40
CB DSN A 7 2.91 -1.81 -2.31
OG DSN A 7 1.76 -2.52 -2.76
H DSN A 7 2.95 -2.27 0.49
HA DSN A 7 1.76 -0.30 -1.26
HB2 DSN A 7 3.21 -1.11 -3.13
HB3 DSN A 7 3.72 -2.52 -2.11
HG DSN A 7 1.15 -1.82 -3.09
N THR A 8 3.90 0.95 -1.00
CA THR A 8 4.63 2.00 -0.34
C THR A 8 3.68 2.52 0.71
N BAL A 1 2.54 2.93 0.60
CB BAL A 1 1.29 3.63 0.49
CA BAL A 1 0.12 2.61 0.57
C BAL A 1 -0.42 2.21 -0.78
O BAL A 1 -1.63 2.15 -0.98
H BAL A 1 2.57 2.17 1.25
HB3 BAL A 1 1.27 4.19 -0.44
HB2 BAL A 1 1.28 4.24 1.37
HA1 BAL A 1 -0.70 3.06 1.15
HA2 BAL A 1 0.47 1.71 1.11
N ASP A 2 0.47 1.87 -1.74
CA ASP A 2 0.10 1.42 -3.06
C ASP A 2 -0.28 -0.04 -2.95
N DTY A 3 -1.52 -0.28 -2.49
CA DTY A 3 -2.03 -1.58 -2.12
C DTY A 3 -2.85 -1.43 -0.87
O DTY A 3 -3.33 -2.44 -0.33
CB DTY A 3 -2.95 -2.21 -3.19
CG DTY A 3 -2.21 -2.42 -4.48
CD1 DTY A 3 -1.14 -3.34 -4.53
CD2 DTY A 3 -2.56 -1.71 -5.64
CE1 DTY A 3 -0.42 -3.52 -5.72
CE2 DTY A 3 -1.85 -1.90 -6.83
CZ DTY A 3 -0.78 -2.79 -6.87
OH DTY A 3 -0.04 -2.99 -8.06
H DTY A 3 -2.11 0.51 -2.30
HA DTY A 3 -1.19 -2.23 -1.90
HB2 DTY A 3 -3.32 -3.19 -2.84
HB3 DTY A 3 -3.83 -1.55 -3.39
HD1 DTY A 3 -3.39 -1.01 -5.62
HD2 DTY A 3 -0.85 -3.89 -3.66
HE1 DTY A 3 -2.13 -1.33 -7.71
HE2 DTY A 3 0.41 -4.20 -5.75
HH DTY A 3 -0.41 -2.41 -8.73
N DSG A 4 -3.06 -0.19 -0.35
CA DSG A 4 -4.01 0.10 0.69
C DSG A 4 -3.20 0.11 1.94
O DSG A 4 -2.72 1.15 2.41
CB DSG A 4 -4.74 1.46 0.53
CG DSG A 4 -5.86 1.64 1.58
OD1 DSG A 4 -6.44 0.65 2.04
ND2 DSG A 4 -6.16 2.91 1.96
H DSG A 4 -2.48 0.60 -0.57
HA DSG A 4 -4.74 -0.70 0.73
HB2 DSG A 4 -4.02 2.30 0.58
HB3 DSG A 4 -5.22 1.49 -0.48
HD21 DSG A 4 -5.65 3.68 1.58
HD22 DSG A 4 -6.89 3.06 2.62
N SER A 5 -3.00 -1.09 2.49
CA SER A 5 -2.29 -1.35 3.71
C SER A 5 -1.11 -2.22 3.34
N GLN A 6 -0.73 -2.18 2.05
CA GLN A 6 0.36 -2.89 1.49
C GLN A 6 0.86 -1.82 0.59
N DSN A 7 2.06 -1.96 0.02
CA DSN A 7 2.61 -0.96 -0.84
C DSN A 7 3.40 0.01 -0.02
O DSN A 7 3.33 0.00 1.20
CB DSN A 7 3.40 -1.54 -2.03
OG DSN A 7 2.58 -2.50 -2.70
H DSN A 7 2.64 -2.76 0.16
HA DSN A 7 1.79 -0.40 -1.26
HB2 DSN A 7 3.64 -0.74 -2.77
HB3 DSN A 7 4.32 -2.03 -1.69
HG DSN A 7 1.79 -2.01 -2.99
N THR A 8 4.11 0.95 -0.68
CA THR A 8 4.68 2.10 -0.05
C THR A 8 3.61 3.15 -0.18
N BAL A 1 2.30 2.68 0.50
CB BAL A 1 1.13 3.53 0.51
CA BAL A 1 -0.24 2.78 0.50
C BAL A 1 -0.64 2.24 -0.84
O BAL A 1 -1.82 2.14 -1.15
H BAL A 1 2.17 1.71 0.72
HB3 BAL A 1 1.19 4.18 -0.36
HB2 BAL A 1 1.21 4.07 1.44
HA1 BAL A 1 -1.02 3.50 0.82
HA2 BAL A 1 -0.22 1.95 1.25
N ASP A 2 0.34 1.84 -1.68
CA ASP A 2 0.12 1.27 -2.99
C ASP A 2 -0.33 -0.15 -2.83
N DTY A 3 -1.65 -0.31 -2.59
CA DTY A 3 -2.26 -1.57 -2.28
C DTY A 3 -2.82 -1.47 -0.89
O DTY A 3 -3.00 -2.49 -0.21
CB DTY A 3 -3.46 -1.89 -3.21
CG DTY A 3 -3.08 -1.81 -4.66
CD1 DTY A 3 -2.05 -2.62 -5.20
CD2 DTY A 3 -3.74 -0.91 -5.52
CE1 DTY A 3 -1.70 -2.53 -6.54
CE2 DTY A 3 -3.38 -0.82 -6.88
CZ DTY A 3 -2.36 -1.63 -7.39
OH DTY A 3 -1.98 -1.55 -8.75
H DTY A 3 -2.23 0.49 -2.53
HA DTY A 3 -1.53 -2.38 -2.31
HB2 DTY A 3 -3.84 -2.92 -3.02
HB3 DTY A 3 -4.29 -1.17 -3.03
HD1 DTY A 3 -4.54 -0.29 -5.15
HD2 DTY A 3 -1.53 -3.32 -4.56
HE1 DTY A 3 -3.91 -0.12 -7.52
HE2 DTY A 3 -0.90 -3.16 -6.93
HH DTY A 3 -2.57 -0.94 -9.19
N DSG A 4 -3.13 -0.24 -0.44
CA DSG A 4 -4.09 0.03 0.60
C DSG A 4 -3.30 0.10 1.86
O DSG A 4 -2.92 1.17 2.35
CB DSG A 4 -4.87 1.36 0.44
CG DSG A 4 -5.88 1.28 -0.72
OD1 DSG A 4 -6.03 0.23 -1.36
ND2 DSG A 4 -6.59 2.42 -0.99
H DSG A 4 -2.70 0.58 -0.78
HA DSG A 4 -4.79 -0.79 0.67
HB2 DSG A 4 -5.44 1.58 1.37
HB3 DSG A 4 -4.16 2.20 0.26
HD21 DSG A 4 -6.46 3.25 -0.45
HD22 DSG A 4 -7.26 2.40 -1.73
N SER A 5 -3.02 -1.09 2.40
CA SER A 5 -2.29 -1.33 3.60
C SER A 5 -0.91 -1.79 3.23
N GLN A 6 -0.74 -2.24 1.97
CA GLN A 6 0.50 -2.75 1.47
C GLN A 6 1.09 -1.65 0.62
N DSN A 7 2.27 -1.92 0.01
CA DSN A 7 2.92 -0.99 -0.85
C DSN A 7 3.75 -0.07 0.01
O DSN A 7 3.93 -0.33 1.20
CB DSN A 7 3.75 -1.72 -1.92
OG DSN A 7 4.41 -2.86 -1.36
H DSN A 7 2.79 -2.76 0.11
HA DSN A 7 2.18 -0.39 -1.35
HB2 DSN A 7 3.05 -2.09 -2.72
HB3 DSN A 7 4.49 -1.04 -2.40
HG DSN A 7 4.88 -3.28 -2.09
N THR A 8 4.16 1.08 -0.55
CA THR A 8 4.69 2.18 0.22
C THR A 8 3.54 3.17 0.26
N BAL A 1 2.53 3.04 0.41
CB BAL A 1 1.31 3.28 1.16
CA BAL A 1 0.29 2.12 1.10
C BAL A 1 -0.44 2.00 -0.22
O BAL A 1 -1.68 1.97 -0.25
H BAL A 1 2.57 3.33 -0.55
HB3 BAL A 1 0.87 4.17 0.73
HB2 BAL A 1 1.62 3.43 2.18
HA1 BAL A 1 -0.47 2.28 1.90
HA2 BAL A 1 0.80 1.16 1.33
N ASP A 2 0.28 1.90 -1.34
CA ASP A 2 -0.28 1.81 -2.66
C ASP A 2 -0.57 0.34 -2.88
N DTY A 3 -1.77 -0.08 -2.48
CA DTY A 3 -2.13 -1.47 -2.32
C DTY A 3 -3.01 -1.51 -1.09
O DTY A 3 -3.63 -2.53 -0.82
CB DTY A 3 -2.99 -2.02 -3.49
CG DTY A 3 -2.23 -2.05 -4.78
CD1 DTY A 3 -1.09 -2.86 -4.90
CD2 DTY A 3 -2.64 -1.30 -5.89
CE1 DTY A 3 -0.38 -2.93 -6.11
CE2 DTY A 3 -1.94 -1.37 -7.10
CZ DTY A 3 -0.82 -2.19 -7.21
OH DTY A 3 -0.12 -2.27 -8.44
H DTY A 3 -2.43 0.58 -2.17
HA DTY A 3 -1.25 -2.06 -2.14
HB2 DTY A 3 -3.32 -3.06 -3.27
HB3 DTY A 3 -3.90 -1.39 -3.63
HD1 DTY A 3 -3.52 -0.67 -5.81
HD2 DTY A 3 -0.75 -3.46 -4.07
HE1 DTY A 3 -2.29 -0.79 -7.95
HE2 DTY A 3 0.49 -3.57 -6.18
HH DTY A 3 0.64 -2.83 -8.30
N DSG A 4 -3.12 -0.39 -0.35
CA DSG A 4 -4.26 -0.17 0.54
C DSG A 4 -3.78 -0.29 1.96
O DSG A 4 -4.53 -0.03 2.90
CB DSG A 4 -4.88 1.23 0.31
CG DSG A 4 -6.41 1.23 0.56
OD1 DSG A 4 -7.17 1.40 -0.40
ND2 DSG A 4 -6.84 1.05 1.83
H DSG A 4 -2.49 0.40 -0.39
HA DSG A 4 -5.00 -0.94 0.36
HB2 DSG A 4 -4.39 2.01 0.93
HB3 DSG A 4 -4.74 1.52 -0.75
HD21 DSG A 4 -6.16 0.79 2.53
HD22 DSG A 4 -7.82 1.07 2.03
N SER A 5 -2.53 -0.75 2.15
CA SER A 5 -1.93 -1.00 3.43
C SER A 5 -0.56 -1.43 3.06
N GLN A 6 -0.48 -2.41 2.14
CA GLN A 6 0.76 -2.80 1.54
C GLN A 6 0.97 -1.86 0.39
N DSN A 7 2.20 -1.81 -0.13
CA DSN A 7 2.57 -0.96 -1.20
C DSN A 7 3.72 -0.27 -0.58
O DSN A 7 4.38 -0.85 0.26
CB DSN A 7 2.98 -1.70 -2.49
OG DSN A 7 1.87 -2.41 -3.01
H DSN A 7 3.01 -2.21 0.31
HA DSN A 7 1.79 -0.24 -1.40
HB2 DSN A 7 3.31 -0.97 -3.26
HB3 DSN A 7 3.79 -2.43 -2.29
HG DSN A 7 1.21 -1.72 -3.24
N THR A 8 3.92 1.01 -0.95
CA THR A 8 4.62 1.98 -0.16
C THR A 8 3.61 2.40 0.89
N BAL A 1 3.24 2.53 0.53
CB BAL A 1 2.15 3.01 1.33
CA BAL A 1 1.07 1.91 1.57
C BAL A 1 0.03 1.81 0.48
O BAL A 1 -1.09 1.35 0.72
H BAL A 1 3.71 1.71 0.88
HB3 BAL A 1 1.70 3.89 0.87
HB2 BAL A 1 2.62 3.23 2.27
HA1 BAL A 1 0.55 2.12 2.51
HA2 BAL A 1 1.60 0.93 1.65
N ASP A 2 0.40 2.21 -0.75
CA ASP A 2 -0.46 2.34 -1.89
C ASP A 2 -0.48 0.97 -2.49
N DTY A 3 -1.66 0.33 -2.45
CA DTY A 3 -1.80 -1.11 -2.51
C DTY A 3 -2.90 -1.36 -1.53
O DTY A 3 -3.76 -2.22 -1.73
CB DTY A 3 -2.24 -1.65 -3.89
CG DTY A 3 -1.09 -1.56 -4.86
CD1 DTY A 3 -0.06 -2.52 -4.83
CD2 DTY A 3 -1.01 -0.50 -5.79
CE1 DTY A 3 1.03 -2.42 -5.70
CE2 DTY A 3 0.08 -0.40 -6.65
CZ DTY A 3 1.11 -1.36 -6.61
OH DTY A 3 2.23 -1.24 -7.47
H DTY A 3 -2.50 0.82 -2.18
HA DTY A 3 -0.90 -1.58 -2.15
HB2 DTY A 3 -2.52 -2.73 -3.82
HB3 DTY A 3 -3.10 -1.08 -4.28
HD1 DTY A 3 -1.79 0.25 -5.82
HD2 DTY A 3 -0.11 -3.33 -4.12
HE1 DTY A 3 0.12 0.44 -7.35
HE2 DTY A 3 1.82 -3.16 -5.66
HH DTY A 3 2.14 -0.40 -7.93
N DSG A 4 -2.95 -0.54 -0.46
CA DSG A 4 -4.18 -0.32 0.28
C DSG A 4 -4.10 -1.11 1.54
O DSG A 4 -5.12 -1.60 2.04
CB DSG A 4 -4.41 1.17 0.65
CG DSG A 4 -4.64 2.01 -0.62
OD1 DSG A 4 -3.85 1.96 -1.58
ND2 DSG A 4 -5.73 2.83 -0.63
H DSG A 4 -2.20 0.10 -0.26
HA DSG A 4 -5.02 -0.69 -0.30
HB2 DSG A 4 -5.30 1.25 1.31
HB3 DSG A 4 -3.54 1.58 1.19
HD21 DSG A 4 -6.33 2.90 0.17
HD22 DSG A 4 -5.93 3.37 -1.45
N SER A 5 -2.89 -1.27 2.09
CA SER A 5 -2.64 -1.91 3.35
C SER A 5 -1.17 -1.69 3.50
N GLN A 6 -0.41 -2.16 2.50
CA GLN A 6 0.98 -1.87 2.37
C GLN A 6 1.04 -1.80 0.88
N DSN A 7 2.25 -1.66 0.32
CA DSN A 7 2.46 -1.32 -1.04
C DSN A 7 3.43 -0.22 -0.81
O DSN A 7 4.07 -0.19 0.24
CB DSN A 7 3.04 -2.47 -1.92
OG DSN A 7 4.10 -3.17 -1.27
H DSN A 7 3.11 -1.54 0.83
HA DSN A 7 1.56 -0.95 -1.47
HB2 DSN A 7 2.22 -3.18 -2.13
HB3 DSN A 7 3.40 -2.05 -2.89
HG DSN A 7 4.45 -3.79 -1.91
N THR A 8 3.50 0.79 -1.71
CA THR A 8 4.33 1.96 -1.52
C THR A 8 3.48 2.91 -0.73
N BAL A 1 3.28 2.55 0.35
CB BAL A 1 2.23 3.13 1.15
CA BAL A 1 1.09 2.10 1.42
C BAL A 1 0.02 2.00 0.35
O BAL A 1 -1.04 1.42 0.58
H BAL A 1 3.81 1.82 0.77
HB3 BAL A 1 1.83 4.02 0.67
HB2 BAL A 1 2.71 3.35 2.08
HA1 BAL A 1 0.59 2.31 2.38
HA2 BAL A 1 1.58 1.11 1.50
N ASP A 2 0.30 2.52 -0.86
CA ASP A 2 -0.57 2.40 -2.00
C ASP A 2 -0.41 0.98 -2.45
N DTY A 3 -1.51 0.23 -2.45
CA DTY A 3 -1.49 -1.20 -2.35
C DTY A 3 -2.62 -1.47 -1.39
O DTY A 3 -3.35 -2.45 -1.54
CB DTY A 3 -1.80 -1.92 -3.69
CG DTY A 3 -0.69 -1.69 -4.68
CD1 DTY A 3 0.49 -2.43 -4.60
CD2 DTY A 3 -0.82 -0.71 -5.67
CE1 DTY A 3 1.54 -2.21 -5.50
CE2 DTY A 3 0.22 -0.47 -6.58
CZ DTY A 3 1.41 -1.23 -6.50
OH DTY A 3 2.46 -1.00 -7.41
H DTY A 3 -2.42 0.65 -2.29
HA DTY A 3 -0.57 -1.54 -1.91
HB2 DTY A 3 -1.88 -3.02 -3.52
HB3 DTY A 3 -2.76 -1.57 -4.12
HD1 DTY A 3 -1.72 -0.12 -5.74
HD2 DTY A 3 0.61 -3.19 -3.84
HE1 DTY A 3 0.10 0.28 -7.34
HE2 DTY A 3 2.45 -2.79 -5.43
HH DTY A 3 2.22 -0.26 -7.96
N DSG A 4 -2.83 -0.55 -0.43
CA DSG A 4 -4.12 -0.42 0.21
C DSG A 4 -3.93 -0.77 1.65
O DSG A 4 -4.46 -0.13 2.55
CB DSG A 4 -4.69 1.04 0.14
CG DSG A 4 -4.93 1.44 -1.33
OD1 DSG A 4 -3.97 1.58 -2.09
ND2 DSG A 4 -6.23 1.63 -1.72
H DSG A 4 -2.15 0.15 -0.18
HA DSG A 4 -4.84 -1.10 -0.21
HB2 DSG A 4 -5.65 1.10 0.71
HB3 DSG A 4 -3.96 1.74 0.58
HD21 DSG A 4 -6.98 1.51 -1.07
HD22 DSG A 4 -6.41 1.90 -2.66
N SER A 5 -3.15 -1.84 1.88
CA SER A 5 -2.74 -2.28 3.18
C SER A 5 -1.46 -1.57 3.45
N GLN A 6 -0.41 -2.02 2.75
CA GLN A 6 0.77 -1.27 2.51
C GLN A 6 1.01 -1.70 1.10
N DSN A 7 2.23 -1.51 0.57
CA DSN A 7 2.46 -1.45 -0.82
C DSN A 7 3.46 -0.35 -0.75
O DSN A 7 4.15 -0.24 0.27
CB DSN A 7 2.98 -2.75 -1.46
OG DSN A 7 3.86 -3.45 -0.59
H DSN A 7 3.03 -1.12 1.05
HA DSN A 7 1.58 -1.11 -1.34
HB2 DSN A 7 2.12 -3.41 -1.69
HB3 DSN A 7 3.50 -2.53 -2.42
HG DSN A 7 3.32 -3.67 0.18
N THR A 8 3.45 0.57 -1.73
CA THR A 8 4.25 1.76 -1.70
C THR A 8 3.41 2.77 -0.97
N BAL A 1 2.41 3.18 0.01
CB BAL A 1 1.11 3.67 0.38
CA BAL A 1 0.04 2.54 0.43
C BAL A 1 -0.47 2.15 -0.92
O BAL A 1 -1.67 2.23 -1.19
H BAL A 1 2.59 3.00 -0.96
HB3 BAL A 1 0.83 4.40 -0.37
HB2 BAL A 1 1.20 4.11 1.36
HA1 BAL A 1 -0.81 2.89 1.05
HA2 BAL A 1 0.47 1.65 0.95
N ASP A 2 0.42 1.67 -1.81
CA ASP A 2 0.07 1.21 -3.14
C ASP A 2 -0.37 -0.22 -2.96
N DTY A 3 -1.65 -0.38 -2.57
CA DTY A 3 -2.17 -1.62 -2.08
C DTY A 3 -2.98 -1.32 -0.84
O DTY A 3 -3.55 -2.24 -0.24
CB DTY A 3 -3.11 -2.35 -3.08
CG DTY A 3 -2.31 -2.92 -4.21
CD1 DTY A 3 -2.35 -2.34 -5.49
CD2 DTY A 3 -1.49 -4.03 -3.99
CE1 DTY A 3 -1.57 -2.87 -6.53
CE2 DTY A 3 -0.70 -4.57 -5.01
CZ DTY A 3 -0.75 -3.99 -6.29
OH DTY A 3 0.06 -4.53 -7.32
H DTY A 3 -2.25 0.40 -2.50
HA DTY A 3 -1.36 -2.28 -1.77
HB2 DTY A 3 -3.64 -3.20 -2.59
HB3 DTY A 3 -3.88 -1.65 -3.48
HD1 DTY A 3 -1.46 -4.49 -3.00
HD2 DTY A 3 -2.96 -1.47 -5.67
HE1 DTY A 3 -0.08 -5.42 -4.82
HE2 DTY A 3 -1.61 -2.41 -7.50
HH DTY A 3 -0.14 -4.08 -8.13
N DSG A 4 -3.04 -0.05 -0.39
CA DSG A 4 -3.91 0.36 0.70
C DSG A 4 -3.13 0.19 1.97
O DSG A 4 -2.70 1.16 2.59
CB DSG A 4 -4.43 1.83 0.58
CG DSG A 4 -5.57 2.11 1.56
OD1 DSG A 4 -6.74 1.93 1.22
ND2 DSG A 4 -5.23 2.61 2.80
H DSG A 4 -2.47 0.70 -0.74
HA DSG A 4 -4.78 -0.30 0.72
HB2 DSG A 4 -3.59 2.55 0.72
HB3 DSG A 4 -4.83 1.98 -0.44
HD21 DSG A 4 -4.27 2.60 3.07
HD22 DSG A 4 -5.96 2.84 3.45
N SER A 5 -2.94 -1.08 2.34
CA SER A 5 -2.30 -1.48 3.58
C SER A 5 -1.08 -2.27 3.23
N GLN A 6 -0.62 -2.19 1.96
CA GLN A 6 0.58 -2.82 1.51
C GLN A 6 1.00 -1.79 0.53
N DSN A 7 2.24 -1.89 0.01
CA DSN A 7 2.83 -0.96 -0.88
C DSN A 7 3.63 -0.05 0.02
O DSN A 7 3.82 -0.35 1.19
CB DSN A 7 3.72 -1.68 -1.92
OG DSN A 7 4.36 -2.80 -1.32
H DSN A 7 2.91 -2.57 0.27
HA DSN A 7 2.07 -0.39 -1.37
HB2 DSN A 7 3.05 -2.06 -2.73
HB3 DSN A 7 4.46 -0.99 -2.38
HG DSN A 7 4.84 -3.25 -2.03
N THR A 8 4.05 1.12 -0.51
CA THR A 8 4.58 2.19 0.26
C THR A 8 3.40 2.90 0.88
N BAL A 1 2.89 3.20 0.02
CB BAL A 1 1.81 3.44 0.96
CA BAL A 1 0.91 2.21 1.24
C BAL A 1 -0.06 1.92 0.12
O BAL A 1 -1.25 1.67 0.36
H BAL A 1 2.78 3.48 -0.93
HB3 BAL A 1 1.21 4.24 0.52
HB2 BAL A 1 2.29 3.75 1.88
HA1 BAL A 1 0.33 2.40 2.16
HA2 BAL A 1 1.55 1.30 1.43
N ASP A 2 0.42 1.96 -1.13
CA ASP A 2 -0.41 2.02 -2.32
C ASP A 2 -0.64 0.61 -2.71
N DTY A 3 -1.86 0.11 -2.46
CA DTY A 3 -2.14 -1.30 -2.40
C DTY A 3 -3.21 -1.36 -1.35
O DTY A 3 -4.14 -2.17 -1.43
CB DTY A 3 -2.70 -1.92 -3.70
CG DTY A 3 -1.61 -2.00 -4.74
CD1 DTY A 3 -0.61 -2.99 -4.64
CD2 DTY A 3 -1.56 -1.10 -5.81
CE1 DTY A 3 0.42 -3.06 -5.58
CE2 DTY A 3 -0.53 -1.16 -6.76
CZ DTY A 3 0.47 -2.14 -6.64
OH DTY A 3 1.52 -2.22 -7.58
H DTY A 3 -2.62 0.72 -2.17
HA DTY A 3 -1.27 -1.83 -2.04
HB2 DTY A 3 -3.06 -2.95 -3.52
HB3 DTY A 3 -3.55 -1.32 -4.10
HD1 DTY A 3 -2.31 -0.33 -5.91
HD2 DTY A 3 -0.63 -3.69 -3.82
HE1 DTY A 3 -0.51 -0.44 -7.56
HE2 DTY A 3 1.19 -3.81 -5.48
HH DTY A 3 1.39 -1.53 -8.23
N DSG A 4 -3.13 -0.45 -0.36
CA DSG A 4 -4.28 -0.14 0.46
C DSG A 4 -4.14 -0.92 1.73
O DSG A 4 -5.13 -1.30 2.34
CB DSG A 4 -4.39 1.37 0.83
CG DSG A 4 -4.55 2.24 -0.43
OD1 DSG A 4 -3.85 2.07 -1.43
ND2 DSG A 4 -5.49 3.22 -0.37
H DSG A 4 -2.35 0.17 -0.27
HA DSG A 4 -5.19 -0.45 -0.03
HB2 DSG A 4 -5.28 1.51 1.50
HB3 DSG A 4 -3.49 1.71 1.39
HD21 DSG A 4 -6.04 3.35 0.46
HD22 DSG A 4 -5.63 3.81 -1.16
N SER A 5 -2.89 -1.19 2.13
CA SER A 5 -2.56 -1.89 3.35
C SER A 5 -1.08 -1.81 3.41
N GLN A 6 -0.42 -2.25 2.32
CA GLN A 6 1.00 -2.17 2.16
C GLN A 6 1.06 -1.75 0.73
N DSN A 7 2.28 -1.59 0.18
CA DSN A 7 2.49 -1.00 -1.10
C DSN A 7 3.72 -0.27 -0.72
O DSN A 7 4.41 -0.72 0.20
CB DSN A 7 2.67 -1.97 -2.28
OG DSN A 7 2.60 -1.25 -3.51
H DSN A 7 3.16 -1.63 0.68
HA DSN A 7 1.69 -0.29 -1.26
HB2 DSN A 7 3.63 -2.50 -2.21
HB3 DSN A 7 1.85 -2.70 -2.28
HG DSN A 7 1.68 -0.89 -3.55
N THR A 8 3.97 0.91 -1.33
CA THR A 8 4.80 1.93 -0.78
C THR A 8 3.99 2.51 0.36
N BAL A 1 2.53 2.82 0.66
CB BAL A 1 1.29 3.54 0.67
CA BAL A 1 0.11 2.54 0.68
C BAL A 1 -0.42 2.19 -0.68
O BAL A 1 -1.63 2.16 -0.89
H BAL A 1 2.56 1.99 1.20
HB3 BAL A 1 1.24 4.18 -0.20
HB2 BAL A 1 1.29 4.09 1.59
HA1 BAL A 1 -0.72 2.98 1.28
HA2 BAL A 1 0.43 1.62 1.20
N ASP A 2 0.48 1.87 -1.64
CA ASP A 2 0.14 1.42 -2.97
C ASP A 2 -0.30 -0.02 -2.89
N DTY A 3 -1.55 -0.23 -2.44
CA DTY A 3 -2.10 -1.53 -2.12
C DTY A 3 -3.26 -1.21 -1.21
O DTY A 3 -4.33 -1.81 -1.31
CB DTY A 3 -2.64 -2.33 -3.33
CG DTY A 3 -1.54 -3.05 -4.04
CD1 DTY A 3 -0.85 -4.09 -3.41
CD2 DTY A 3 -1.20 -2.73 -5.37
CE1 DTY A 3 0.18 -4.79 -4.06
CE2 DTY A 3 -0.17 -3.41 -6.03
CZ DTY A 3 0.52 -4.45 -5.38
OH DTY A 3 1.54 -5.15 -6.07
H DTY A 3 -2.09 0.56 -2.14
HA DTY A 3 -1.38 -2.07 -1.54
HB2 DTY A 3 -3.36 -3.12 -3.00
HB3 DTY A 3 -3.18 -1.65 -4.02
HD1 DTY A 3 -1.73 -1.94 -5.88
HD2 DTY A 3 -1.11 -4.37 -2.39
HE1 DTY A 3 0.09 -3.14 -7.04
HE2 DTY A 3 0.69 -5.58 -3.55
HH DTY A 3 1.99 -5.71 -5.45
N DSG A 4 -3.09 -0.24 -0.29
CA DSG A 4 -4.10 0.06 0.69
C DSG A 4 -3.34 -0.05 1.97
O DSG A 4 -3.01 0.94 2.61
CB DSG A 4 -4.74 1.48 0.54
CG DSG A 4 -5.99 1.68 1.40
OD1 DSG A 4 -7.10 1.79 0.86
ND2 DSG A 4 -5.85 1.72 2.75
H DSG A 4 -2.26 0.31 -0.22
HA DSG A 4 -4.90 -0.68 0.67
HB2 DSG A 4 -3.99 2.28 0.77
HB3 DSG A 4 -5.05 1.61 -0.52
HD21 DSG A 4 -4.93 1.62 3.15
HD22 DSG A 4 -6.65 1.84 3.34
N SER A 5 -3.04 -1.31 2.37
CA SER A 5 -2.38 -1.59 3.62
C SER A 5 -1.05 -2.21 3.31
N GLN A 6 -0.62 -2.12 2.05
CA GLN A 6 0.54 -2.75 1.52
C GLN A 6 0.97 -1.70 0.58
N DSN A 7 2.18 -1.85 0.02
CA DSN A 7 2.72 -0.91 -0.92
C DSN A 7 3.64 -0.05 -0.15
O DSN A 7 3.88 -0.28 1.03
CB DSN A 7 3.38 -1.60 -2.14
OG DSN A 7 2.47 -2.53 -2.70
H DSN A 7 2.80 -2.60 0.25
HA DSN A 7 1.92 -0.29 -1.29
HB2 DSN A 7 3.62 -0.83 -2.90
HB3 DSN A 7 4.30 -2.14 -1.84
HG DSN A 7 1.68 -2.00 -2.98
N THR A 8 4.11 1.06 -0.77
CA THR A 8 4.69 2.15 -0.03
C THR A 8 3.61 3.18 -0.05
N BAL A 1 2.62 3.17 0.27
CB BAL A 1 1.42 3.38 1.05
CA BAL A 1 0.40 2.21 0.94
C BAL A 1 -0.29 2.14 -0.39
O BAL A 1 -1.51 2.21 -0.47
H BAL A 1 2.62 3.51 -0.69
HB3 BAL A 1 0.98 4.29 0.67
HB2 BAL A 1 1.75 3.48 2.08
HA1 BAL A 1 -0.37 2.35 1.74
HA2 BAL A 1 0.91 1.25 1.16
N ASP A 2 0.47 1.93 -1.49
CA ASP A 2 -0.09 1.71 -2.80
C ASP A 2 -0.50 0.25 -2.83
N DTY A 3 -1.76 0.01 -2.44
CA DTY A 3 -2.35 -1.29 -2.30
C DTY A 3 -3.42 -1.13 -1.25
O DTY A 3 -4.43 -1.82 -1.27
CB DTY A 3 -3.04 -1.81 -3.59
CG DTY A 3 -2.02 -2.11 -4.65
CD1 DTY A 3 -1.15 -3.20 -4.48
CD2 DTY A 3 -1.90 -1.31 -5.80
CE1 DTY A 3 -0.16 -3.48 -5.43
CE2 DTY A 3 -0.91 -1.59 -6.75
CZ DTY A 3 -0.04 -2.67 -6.57
OH DTY A 3 0.95 -2.97 -7.52
H DTY A 3 -2.33 0.76 -2.15
HA DTY A 3 -1.61 -1.99 -1.92
HB2 DTY A 3 -3.59 -2.75 -3.39
HB3 DTY A 3 -3.76 -1.05 -3.97
HD1 DTY A 3 -2.56 -0.47 -5.94
HD2 DTY A 3 -1.22 -3.81 -3.60
HE1 DTY A 3 -0.84 -0.95 -7.62
HE2 DTY A 3 0.51 -4.30 -5.28
HH DTY A 3 0.87 -2.34 -8.25
N DSG A 4 -3.22 -0.19 -0.29
CA DSG A 4 -4.21 0.10 0.73
C DSG A 4 -3.74 -0.58 1.99
O DSG A 4 -3.95 -0.08 3.10
CB DSG A 4 -4.38 1.60 1.07
CG DSG A 4 -4.99 2.34 -0.12
OD1 DSG A 4 -6.22 2.44 -0.25
ND2 DSG A 4 -4.11 2.90 -1.00
H DSG A 4 -2.37 0.34 -0.23
HA DSG A 4 -5.17 -0.33 0.46
HB2 DSG A 4 -5.09 1.72 1.92
HB3 DSG A 4 -3.41 2.06 1.37
HD21 DSG A 4 -3.12 2.78 -0.84
HD22 DSG A 4 -4.45 3.43 -1.77
N SER A 5 -3.07 -1.74 1.83
CA SER A 5 -2.57 -2.55 2.90
C SER A 5 -1.19 -2.07 3.22
N GLN A 6 -0.28 -2.27 2.26
CA GLN A 6 1.08 -1.83 2.27
C GLN A 6 1.21 -1.49 0.82
N DSN A 7 2.43 -1.48 0.28
CA DSN A 7 2.70 -0.94 -1.02
C DSN A 7 3.93 -0.22 -0.63
O DSN A 7 4.68 -0.71 0.22
CB DSN A 7 2.91 -1.98 -2.14
OG DSN A 7 1.70 -2.68 -2.37
H DSN A 7 3.29 -1.62 0.77
HA DSN A 7 1.94 -0.23 -1.29
HB2 DSN A 7 3.18 -1.45 -3.09
HB3 DSN A 7 3.71 -2.70 -1.87
HG DSN A 7 1.08 -2.00 -2.71
N THR A 8 4.07 1.03 -1.12
CA THR A 8 4.69 2.11 -0.40
C THR A 8 3.68 2.48 0.68
N BAL A 1 2.53 2.89 0.70
CB BAL A 1 1.24 3.50 0.82
CA BAL A 1 0.12 2.45 0.68
C BAL A 1 -0.36 2.24 -0.73
O BAL A 1 -1.55 2.35 -1.01
H BAL A 1 2.70 2.10 1.29
HB3 BAL A 1 1.13 4.28 0.07
HB2 BAL A 1 1.24 3.88 1.83
HA1 BAL A 1 -0.73 2.75 1.31
HA2 BAL A 1 0.49 1.47 1.08
N ASP A 2 0.55 1.88 -1.66
CA ASP A 2 0.17 1.51 -3.02
C ASP A 2 -0.27 0.06 -2.96
N DTY A 3 -1.52 -0.17 -2.53
CA DTY A 3 -2.03 -1.49 -2.21
C DTY A 3 -2.86 -1.35 -0.96
O DTY A 3 -3.50 -2.30 -0.53
CB DTY A 3 -2.96 -2.05 -3.32
CG DTY A 3 -2.17 -2.26 -4.59
CD1 DTY A 3 -1.32 -3.37 -4.72
CD2 DTY A 3 -2.24 -1.32 -5.63
CE1 DTY A 3 -0.52 -3.52 -5.85
CE2 DTY A 3 -1.44 -1.47 -6.77
CZ DTY A 3 -0.58 -2.57 -6.89
OH DTY A 3 0.25 -2.72 -8.02
H DTY A 3 -2.12 0.60 -2.32
HA DTY A 3 -1.21 -2.16 -2.00
HB2 DTY A 3 -3.39 -3.04 -3.01
HB3 DTY A 3 -3.80 -1.35 -3.52
HD1 DTY A 3 -2.87 -0.46 -5.55
HD2 DTY A 3 -1.25 -4.08 -3.92
HE1 DTY A 3 -1.50 -0.73 -7.55
HE2 DTY A 3 0.14 -4.37 -5.93
HH DTY A 3 0.16 -1.94 -8.57
N DSG A 4 -2.86 -0.15 -0.34
CA DSG A 4 -3.81 0.23 0.69
C DSG A 4 -3.08 0.02 1.97
O DSG A 4 -2.52 0.95 2.55
CB DSG A 4 -4.26 1.71 0.64
CG DSG A 4 -5.00 1.99 -0.68
OD1 DSG A 4 -6.22 1.78 -0.78
ND2 DSG A 4 -4.24 2.47 -1.71
H DSG A 4 -2.18 0.55 -0.52
HA DSG A 4 -4.67 -0.42 0.65
HB2 DSG A 4 -4.95 1.92 1.48
HB3 DSG A 4 -3.39 2.40 0.73
HD21 DSG A 4 -3.26 2.62 -1.57
HD22 DSG A 4 -4.69 2.69 -2.58
N SER A 5 -3.04 -1.24 2.41
CA SER A 5 -2.44 -1.64 3.67
C SER A 5 -1.14 -2.32 3.38
N GLN A 6 -0.74 -2.30 2.10
CA GLN A 6 0.46 -2.91 1.62
C GLN A 6 0.88 -1.84 0.68
N DSN A 7 2.10 -1.92 0.14
CA DSN A 7 2.56 -0.97 -0.83
C DSN A 7 3.40 0.05 -0.14
O DSN A 7 3.52 0.04 1.07
CB DSN A 7 3.27 -1.64 -2.03
OG DSN A 7 2.36 -2.56 -2.61
H DSN A 7 2.74 -2.65 0.37
HA DSN A 7 1.71 -0.45 -1.22
HB2 DSN A 7 3.54 -0.89 -2.80
HB3 DSN A 7 4.19 -2.18 -1.69
HG DSN A 7 1.63 -2.02 -2.96
N THR A 8 3.91 1.04 -0.90
CA THR A 8 4.55 2.20 -0.37
C THR A 8 3.43 3.21 -0.23
#